data_8TG1
#
_entry.id   8TG1
#
_cell.length_a   79.235
_cell.length_b   91.670
_cell.length_c   96.546
_cell.angle_alpha   90.00
_cell.angle_beta   90.00
_cell.angle_gamma   90.00
#
_symmetry.space_group_name_H-M   'P 21 21 21'
#
loop_
_entity.id
_entity.type
_entity.pdbx_description
1 polymer 'Extracellular ligand-binding receptor'
2 non-polymer UREA
3 non-polymer 'BROMIDE ION'
4 water water
#
_entity_poly.entity_id   1
_entity_poly.type   'polypeptide(L)'
_entity_poly.pdbx_seq_one_letter_code
;MSSSESEKEKSEETIKVGILHSLSGTMSISEVSLKDAELMAIEEINNNGGVLGKKLEPIVEDGASDWPTFAEKAKKLLQK
DKVAVIFGAWTSASRKAVLPVVEENNGLLFYPVQYEGLESSPNIFYMGAAPNQQIVPAVKWLFDNGKKRFYLLGSDYVFP
RTANKIIKAYLKYLGGVVVGEEYTPLGHTDYSSVINKIKAAKPDVVFNTLNGDSNVAFFKQLKDAGIDANTLPVMSVSIA
EEEIKGIGPEYLKGHLVTWNYFQSVDTPENKEFVEKYKKKYGEDRVTDDPIEAAYIGVYLWAKAVEKAGSTDVDKVREAA
KGIEFNAPEGPVKIDGDNQHLYKTVRIGEILENGQIRELWKTNKPVKPDPYLKGYEWAQGLSEQGGSHHHHHH
;
_entity_poly.pdbx_strand_id   A,B
#
loop_
_chem_comp.id
_chem_comp.type
_chem_comp.name
_chem_comp.formula
BR non-polymer 'BROMIDE ION' 'Br -1'
URE non-polymer UREA 'C H4 N2 O'
#
# COMPACT_ATOMS: atom_id res chain seq x y z
N THR A 14 16.23 -20.78 1.30
CA THR A 14 15.44 -20.01 0.35
C THR A 14 16.34 -19.19 -0.56
N ILE A 15 15.74 -18.58 -1.58
CA ILE A 15 16.41 -17.65 -2.48
C ILE A 15 15.87 -16.27 -2.18
N LYS A 16 16.73 -15.40 -1.65
CA LYS A 16 16.30 -14.05 -1.31
C LYS A 16 16.25 -13.17 -2.56
N VAL A 17 15.14 -12.47 -2.73
CA VAL A 17 14.98 -11.52 -3.81
C VAL A 17 14.64 -10.16 -3.21
N GLY A 18 15.11 -9.11 -3.87
CA GLY A 18 14.92 -7.75 -3.40
C GLY A 18 13.73 -7.10 -4.08
N ILE A 19 12.98 -6.32 -3.31
CA ILE A 19 11.93 -5.44 -3.82
C ILE A 19 12.26 -4.04 -3.36
N LEU A 20 12.49 -3.14 -4.30
CA LEU A 20 13.00 -1.79 -4.01
C LEU A 20 12.11 -0.77 -4.72
N HIS A 21 11.13 -0.23 -3.99
CA HIS A 21 10.18 0.71 -4.57
C HIS A 21 9.93 1.85 -3.62
N SER A 22 9.41 2.95 -4.16
CA SER A 22 9.00 4.10 -3.36
C SER A 22 7.69 3.76 -2.66
N LEU A 23 7.77 3.34 -1.40
CA LEU A 23 6.58 3.14 -0.60
C LEU A 23 6.18 4.40 0.16
N SER A 24 7.01 5.44 0.11
CA SER A 24 6.70 6.74 0.68
C SER A 24 7.15 7.81 -0.31
N GLY A 25 6.59 9.00 -0.16
CA GLY A 25 6.97 10.11 -1.01
C GLY A 25 6.11 10.24 -2.24
N THR A 26 6.51 11.18 -3.09
CA THR A 26 5.68 11.59 -4.23
C THR A 26 5.48 10.48 -5.26
N MET A 27 6.36 9.49 -5.31
CA MET A 27 6.26 8.40 -6.26
C MET A 27 5.42 7.23 -5.75
N SER A 28 5.04 7.24 -4.47
CA SER A 28 4.38 6.08 -3.88
C SER A 28 3.00 5.84 -4.48
N ILE A 29 2.36 6.88 -5.00
CA ILE A 29 1.08 6.70 -5.71
C ILE A 29 1.24 5.69 -6.84
N SER A 30 2.43 5.60 -7.41
CA SER A 30 2.71 4.75 -8.56
C SER A 30 3.35 3.41 -8.19
N GLU A 31 4.24 3.40 -7.20
CA GLU A 31 5.14 2.28 -7.01
C GLU A 31 4.65 1.23 -6.00
N VAL A 32 3.76 1.59 -5.08
CA VAL A 32 3.31 0.63 -4.08
C VAL A 32 2.61 -0.54 -4.76
N SER A 33 1.81 -0.27 -5.80
CA SER A 33 1.12 -1.35 -6.49
C SER A 33 2.09 -2.26 -7.24
N LEU A 34 3.29 -1.77 -7.59
CA LEU A 34 4.28 -2.65 -8.20
C LEU A 34 4.82 -3.65 -7.19
N LYS A 35 4.98 -3.23 -5.93
CA LYS A 35 5.33 -4.17 -4.87
C LYS A 35 4.24 -5.23 -4.70
N ASP A 36 2.97 -4.81 -4.81
CA ASP A 36 1.87 -5.77 -4.73
C ASP A 36 1.94 -6.77 -5.88
N ALA A 37 2.28 -6.30 -7.08
CA ALA A 37 2.35 -7.19 -8.24
C ALA A 37 3.50 -8.18 -8.10
N GLU A 38 4.67 -7.69 -7.69
CA GLU A 38 5.82 -8.57 -7.52
C GLU A 38 5.58 -9.60 -6.42
N LEU A 39 4.93 -9.17 -5.32
CA LEU A 39 4.64 -10.11 -4.24
C LEU A 39 3.62 -11.16 -4.66
N MET A 40 2.67 -10.80 -5.52
CA MET A 40 1.69 -11.79 -5.98
C MET A 40 2.36 -12.83 -6.86
N ALA A 41 3.25 -12.41 -7.76
CA ALA A 41 3.96 -13.35 -8.62
C ALA A 41 4.84 -14.27 -7.80
N ILE A 42 5.49 -13.73 -6.76
CA ILE A 42 6.34 -14.57 -5.90
C ILE A 42 5.51 -15.61 -5.19
N GLU A 43 4.34 -15.21 -4.67
CA GLU A 43 3.47 -16.16 -3.98
C GLU A 43 2.98 -17.26 -4.92
N GLU A 44 2.63 -16.89 -6.15
CA GLU A 44 2.21 -17.88 -7.13
C GLU A 44 3.33 -18.86 -7.44
N ILE A 45 4.56 -18.36 -7.60
CA ILE A 45 5.68 -19.22 -7.92
C ILE A 45 5.99 -20.16 -6.76
N ASN A 46 5.92 -19.64 -5.53
CA ASN A 46 6.19 -20.48 -4.37
C ASN A 46 5.14 -21.58 -4.20
N ASN A 47 3.90 -21.30 -4.58
CA ASN A 47 2.84 -22.31 -4.52
C ASN A 47 2.93 -23.34 -5.64
N ASN A 48 3.83 -23.13 -6.61
CA ASN A 48 4.07 -24.10 -7.68
C ASN A 48 5.39 -24.83 -7.51
N GLY A 49 5.91 -24.92 -6.28
CA GLY A 49 7.17 -25.60 -6.03
C GLY A 49 8.39 -24.71 -5.98
N GLY A 50 8.24 -23.40 -6.18
CA GLY A 50 9.36 -22.50 -6.05
C GLY A 50 10.33 -22.58 -7.24
N VAL A 51 11.58 -22.23 -6.96
CA VAL A 51 12.62 -22.12 -7.99
C VAL A 51 13.82 -22.94 -7.54
N LEU A 52 14.25 -23.88 -8.38
CA LEU A 52 15.38 -24.77 -8.09
C LEU A 52 15.19 -25.46 -6.74
N GLY A 53 13.94 -25.81 -6.43
CA GLY A 53 13.64 -26.49 -5.19
C GLY A 53 13.61 -25.61 -3.97
N LYS A 54 13.73 -24.29 -4.13
CA LYS A 54 13.70 -23.35 -3.02
C LYS A 54 12.59 -22.34 -3.20
N LYS A 55 12.02 -21.89 -2.10
CA LYS A 55 11.05 -20.82 -2.12
C LYS A 55 11.76 -19.47 -2.22
N LEU A 56 11.06 -18.49 -2.77
CA LEU A 56 11.59 -17.14 -2.89
C LEU A 56 11.21 -16.34 -1.65
N GLU A 57 12.20 -15.68 -1.05
CA GLU A 57 11.95 -14.86 0.14
C GLU A 57 12.13 -13.39 -0.21
N PRO A 58 11.06 -12.60 -0.27
CA PRO A 58 11.20 -11.19 -0.64
C PRO A 58 11.73 -10.34 0.52
N ILE A 59 12.67 -9.46 0.18
CA ILE A 59 13.15 -8.45 1.10
C ILE A 59 12.70 -7.10 0.55
N VAL A 60 11.74 -6.48 1.23
CA VAL A 60 11.09 -5.27 0.75
C VAL A 60 11.76 -4.06 1.38
N GLU A 61 12.19 -3.11 0.54
CA GLU A 61 12.87 -1.91 1.00
C GLU A 61 12.20 -0.68 0.38
N ASP A 62 12.13 0.38 1.17
CA ASP A 62 11.53 1.63 0.74
C ASP A 62 12.59 2.51 0.07
N GLY A 63 12.35 2.86 -1.19
CA GLY A 63 13.18 3.83 -1.89
C GLY A 63 12.85 5.28 -1.58
N ALA A 64 11.66 5.53 -1.03
CA ALA A 64 11.28 6.81 -0.44
C ALA A 64 11.30 7.95 -1.46
N SER A 65 11.08 7.63 -2.74
CA SER A 65 11.09 8.63 -3.80
C SER A 65 12.37 9.45 -3.79
N ASP A 66 13.45 8.85 -3.29
CA ASP A 66 14.72 9.54 -3.08
C ASP A 66 15.82 8.70 -3.71
N TRP A 67 16.47 9.24 -4.73
CA TRP A 67 17.40 8.48 -5.54
C TRP A 67 18.67 8.10 -4.76
N PRO A 68 19.21 8.97 -3.89
CA PRO A 68 20.27 8.48 -2.99
C PRO A 68 19.84 7.31 -2.14
N THR A 69 18.59 7.31 -1.64
CA THR A 69 18.10 6.17 -0.87
C THR A 69 18.02 4.91 -1.72
N PHE A 70 17.59 5.04 -2.98
CA PHE A 70 17.54 3.88 -3.87
C PHE A 70 18.91 3.24 -4.01
N ALA A 71 19.95 4.05 -4.18
CA ALA A 71 21.30 3.53 -4.33
C ALA A 71 21.77 2.81 -3.07
N GLU A 72 21.54 3.42 -1.91
CA GLU A 72 21.96 2.80 -0.65
C GLU A 72 21.17 1.52 -0.38
N LYS A 73 19.87 1.51 -0.70
CA LYS A 73 19.07 0.31 -0.49
C LYS A 73 19.47 -0.80 -1.44
N ALA A 74 19.82 -0.46 -2.68
CA ALA A 74 20.31 -1.46 -3.62
C ALA A 74 21.63 -2.05 -3.14
N LYS A 75 22.50 -1.23 -2.56
CA LYS A 75 23.76 -1.72 -2.02
C LYS A 75 23.52 -2.68 -0.86
N LYS A 76 22.58 -2.35 0.03
CA LYS A 76 22.30 -3.24 1.16
C LYS A 76 21.67 -4.55 0.69
N LEU A 77 20.76 -4.48 -0.27
CA LEU A 77 20.11 -5.69 -0.76
C LEU A 77 21.12 -6.64 -1.40
N LEU A 78 22.10 -6.09 -2.11
CA LEU A 78 23.07 -6.93 -2.80
C LEU A 78 24.19 -7.38 -1.86
N GLN A 79 24.68 -6.49 -1.01
CA GLN A 79 25.88 -6.79 -0.22
C GLN A 79 25.57 -7.45 1.12
N LYS A 80 24.56 -6.97 1.84
CA LYS A 80 24.25 -7.53 3.15
C LYS A 80 23.21 -8.64 3.06
N ASP A 81 22.08 -8.37 2.40
CA ASP A 81 21.04 -9.38 2.27
C ASP A 81 21.39 -10.45 1.25
N LYS A 82 22.31 -10.16 0.33
CA LYS A 82 22.83 -11.14 -0.64
C LYS A 82 21.70 -11.69 -1.51
N VAL A 83 20.83 -10.79 -2.01
CA VAL A 83 19.74 -11.21 -2.87
C VAL A 83 20.28 -11.59 -4.24
N ALA A 84 19.55 -12.47 -4.92
CA ALA A 84 19.94 -12.89 -6.26
C ALA A 84 19.45 -11.93 -7.33
N VAL A 85 18.50 -11.06 -7.00
CA VAL A 85 17.93 -10.13 -7.97
C VAL A 85 17.20 -9.04 -7.20
N ILE A 86 17.02 -7.88 -7.84
CA ILE A 86 16.21 -6.80 -7.32
C ILE A 86 15.15 -6.45 -8.34
N PHE A 87 13.90 -6.47 -7.92
CA PHE A 87 12.80 -5.92 -8.70
C PHE A 87 12.47 -4.55 -8.11
N GLY A 88 12.51 -3.51 -8.93
CA GLY A 88 12.13 -2.21 -8.40
C GLY A 88 12.49 -1.06 -9.33
N ALA A 89 12.39 0.15 -8.75
CA ALA A 89 12.62 1.44 -9.36
C ALA A 89 11.47 1.88 -10.26
N TRP A 90 11.35 3.19 -10.49
CA TRP A 90 10.36 3.73 -11.42
C TRP A 90 10.97 4.88 -12.22
N THR A 91 11.23 6.01 -11.55
CA THR A 91 11.85 7.14 -12.24
C THR A 91 13.22 6.75 -12.76
N SER A 92 13.55 7.23 -13.95
CA SER A 92 14.87 7.00 -14.51
C SER A 92 15.97 7.53 -13.59
N ALA A 93 15.63 8.52 -12.74
CA ALA A 93 16.58 8.96 -11.72
C ALA A 93 16.87 7.85 -10.72
N SER A 94 15.84 7.10 -10.29
CA SER A 94 16.06 6.01 -9.35
C SER A 94 16.76 4.83 -10.03
N ARG A 95 16.38 4.53 -11.29
CA ARG A 95 17.07 3.46 -12.00
C ARG A 95 18.53 3.79 -12.23
N LYS A 96 18.82 5.05 -12.59
CA LYS A 96 20.20 5.43 -12.84
C LYS A 96 21.02 5.55 -11.57
N ALA A 97 20.38 5.74 -10.41
CA ALA A 97 21.11 5.65 -9.15
C ALA A 97 21.40 4.20 -8.79
N VAL A 98 20.52 3.28 -9.19
CA VAL A 98 20.75 1.86 -8.93
C VAL A 98 21.72 1.27 -9.95
N LEU A 99 21.75 1.83 -11.17
CA LEU A 99 22.59 1.29 -12.24
C LEU A 99 24.03 1.03 -11.84
N PRO A 100 24.79 1.99 -11.27
CA PRO A 100 26.18 1.68 -10.94
C PRO A 100 26.32 0.62 -9.86
N VAL A 101 25.34 0.51 -8.95
CA VAL A 101 25.44 -0.49 -7.89
C VAL A 101 25.34 -1.90 -8.47
N VAL A 102 24.34 -2.14 -9.32
CA VAL A 102 24.19 -3.48 -9.89
C VAL A 102 25.34 -3.80 -10.81
N GLU A 103 25.90 -2.80 -11.50
CA GLU A 103 27.03 -3.05 -12.38
C GLU A 103 28.29 -3.37 -11.58
N GLU A 104 28.56 -2.60 -10.53
CA GLU A 104 29.78 -2.81 -9.75
C GLU A 104 29.73 -4.13 -8.98
N ASN A 105 28.55 -4.55 -8.51
CA ASN A 105 28.41 -5.81 -7.79
C ASN A 105 28.01 -6.97 -8.69
N ASN A 106 27.86 -6.72 -9.99
CA ASN A 106 27.36 -7.72 -10.94
C ASN A 106 26.02 -8.30 -10.49
N GLY A 107 25.19 -7.44 -9.90
CA GLY A 107 23.83 -7.79 -9.56
C GLY A 107 22.91 -7.64 -10.75
N LEU A 108 21.63 -7.87 -10.51
CA LEU A 108 20.60 -7.75 -11.54
C LEU A 108 19.45 -6.91 -11.01
N LEU A 109 19.04 -5.93 -11.79
CA LEU A 109 17.81 -5.17 -11.53
C LEU A 109 16.81 -5.47 -12.63
N PHE A 110 15.61 -5.89 -12.24
CA PHE A 110 14.49 -6.00 -13.16
C PHE A 110 13.62 -4.78 -13.00
N TYR A 111 13.52 -3.97 -14.06
CA TYR A 111 12.96 -2.64 -14.03
C TYR A 111 11.70 -2.59 -14.88
N PRO A 112 10.53 -2.28 -14.32
CA PRO A 112 9.28 -2.49 -15.05
C PRO A 112 8.59 -1.25 -15.61
N VAL A 113 9.27 -0.11 -15.73
CA VAL A 113 8.60 1.14 -16.05
C VAL A 113 9.07 1.65 -17.41
N GLN A 114 8.12 2.17 -18.19
CA GLN A 114 8.43 2.92 -19.41
C GLN A 114 9.50 3.96 -19.13
N TYR A 115 10.32 4.23 -20.13
CA TYR A 115 11.41 5.19 -19.92
C TYR A 115 11.90 5.71 -21.27
N GLU A 116 12.97 6.49 -21.22
CA GLU A 116 13.45 7.28 -22.34
C GLU A 116 14.34 6.49 -23.29
N GLY A 117 14.78 5.30 -22.91
CA GLY A 117 15.74 4.59 -23.73
C GLY A 117 17.14 5.17 -23.57
N LEU A 118 17.92 5.08 -24.65
CA LEU A 118 19.29 5.59 -24.68
C LEU A 118 20.15 4.97 -23.59
N GLU A 119 19.90 3.69 -23.28
CA GLU A 119 20.58 3.00 -22.20
C GLU A 119 20.41 1.50 -22.41
N SER A 120 21.42 0.74 -22.00
CA SER A 120 21.36 -0.72 -22.08
C SER A 120 22.40 -1.34 -21.14
N SER A 121 22.12 -1.30 -19.85
CA SER A 121 23.04 -1.88 -18.88
C SER A 121 23.00 -3.40 -18.97
N PRO A 122 24.16 -4.07 -19.01
CA PRO A 122 24.16 -5.54 -18.94
C PRO A 122 23.61 -6.08 -17.63
N ASN A 123 23.39 -5.22 -16.64
CA ASN A 123 22.92 -5.62 -15.32
C ASN A 123 21.50 -5.16 -15.05
N ILE A 124 20.75 -4.80 -16.10
CA ILE A 124 19.36 -4.37 -15.97
C ILE A 124 18.54 -5.07 -17.03
N PHE A 125 17.42 -5.66 -16.62
CA PHE A 125 16.43 -6.18 -17.54
C PHE A 125 15.23 -5.24 -17.54
N TYR A 126 14.87 -4.73 -18.72
CA TYR A 126 13.93 -3.64 -18.87
C TYR A 126 12.59 -4.21 -19.32
N MET A 127 11.61 -4.25 -18.41
CA MET A 127 10.30 -4.78 -18.76
C MET A 127 9.29 -3.71 -19.15
N GLY A 128 9.58 -2.43 -18.86
CA GLY A 128 8.77 -1.34 -19.37
C GLY A 128 9.16 -0.95 -20.79
N ALA A 129 8.31 -0.13 -21.40
CA ALA A 129 8.47 0.18 -22.82
C ALA A 129 9.77 0.93 -23.09
N ALA A 130 10.43 0.56 -24.17
CA ALA A 130 11.43 1.43 -24.79
C ALA A 130 10.72 2.53 -25.55
N PRO A 131 11.40 3.65 -25.86
CA PRO A 131 10.68 4.78 -26.47
C PRO A 131 10.07 4.47 -27.82
N ASN A 132 10.66 3.57 -28.61
CA ASN A 132 10.01 3.15 -29.84
C ASN A 132 8.74 2.33 -29.59
N GLN A 133 8.52 1.90 -28.34
CA GLN A 133 7.33 1.15 -27.97
C GLN A 133 6.30 1.98 -27.23
N GLN A 134 6.53 3.27 -27.04
CA GLN A 134 5.55 4.11 -26.37
C GLN A 134 5.59 5.54 -26.89
N ILE A 135 6.65 6.29 -26.54
CA ILE A 135 6.67 7.73 -26.79
C ILE A 135 6.67 8.01 -28.29
N VAL A 136 7.49 7.29 -29.05
CA VAL A 136 7.60 7.56 -30.48
C VAL A 136 6.29 7.29 -31.21
N PRO A 137 5.65 6.12 -31.07
CA PRO A 137 4.34 5.94 -31.73
C PRO A 137 3.26 6.86 -31.16
N ALA A 138 3.40 7.31 -29.91
CA ALA A 138 2.43 8.26 -29.36
C ALA A 138 2.45 9.56 -30.15
N VAL A 139 3.64 10.06 -30.46
CA VAL A 139 3.77 11.31 -31.22
C VAL A 139 3.22 11.12 -32.63
N LYS A 140 3.56 9.99 -33.26
N LYS A 140 3.57 9.99 -33.26
CA LYS A 140 3.14 9.76 -34.64
CA LYS A 140 3.14 9.75 -34.65
C LYS A 140 1.62 9.65 -34.76
C LYS A 140 1.63 9.66 -34.75
N TRP A 141 0.99 8.94 -33.84
CA TRP A 141 -0.47 8.82 -33.87
C TRP A 141 -1.13 10.16 -33.62
N LEU A 142 -0.61 10.93 -32.66
CA LEU A 142 -1.13 12.27 -32.42
C LEU A 142 -0.98 13.16 -33.65
N PHE A 143 0.17 13.09 -34.32
CA PHE A 143 0.41 13.89 -35.50
C PHE A 143 -0.52 13.46 -36.64
N ASP A 144 -0.62 12.15 -36.87
CA ASP A 144 -1.49 11.64 -37.93
C ASP A 144 -2.97 11.91 -37.66
N ASN A 145 -3.34 12.31 -36.46
CA ASN A 145 -4.71 12.66 -36.13
C ASN A 145 -4.88 14.16 -35.91
N GLY A 146 -4.00 14.96 -36.51
CA GLY A 146 -4.19 16.39 -36.62
C GLY A 146 -3.58 17.26 -35.55
N LYS A 147 -2.86 16.66 -34.60
CA LYS A 147 -2.19 17.44 -33.55
C LYS A 147 -0.80 17.84 -34.06
N LYS A 148 -0.61 19.14 -34.31
CA LYS A 148 0.64 19.63 -34.86
C LYS A 148 1.42 20.52 -33.91
N ARG A 149 0.76 21.14 -32.95
CA ARG A 149 1.39 22.12 -32.05
C ARG A 149 1.39 21.53 -30.64
N PHE A 150 2.53 20.98 -30.23
CA PHE A 150 2.67 20.28 -28.97
C PHE A 150 3.10 21.24 -27.86
N TYR A 151 2.47 21.10 -26.70
CA TYR A 151 2.93 21.73 -25.47
C TYR A 151 3.47 20.64 -24.56
N LEU A 152 4.75 20.74 -24.21
CA LEU A 152 5.42 19.71 -23.42
C LEU A 152 5.46 20.12 -21.95
N LEU A 153 5.05 19.21 -21.08
CA LEU A 153 5.04 19.45 -19.63
C LEU A 153 5.45 18.16 -18.93
N GLY A 154 6.48 18.25 -18.09
CA GLY A 154 6.96 17.08 -17.38
C GLY A 154 7.68 17.46 -16.11
N SER A 155 8.06 16.43 -15.35
CA SER A 155 8.83 16.61 -14.13
C SER A 155 10.30 16.87 -14.47
N ASP A 156 10.98 17.57 -13.57
CA ASP A 156 12.34 18.05 -13.85
C ASP A 156 13.36 17.00 -13.43
N TYR A 157 13.52 15.99 -14.28
CA TYR A 157 14.62 15.04 -14.17
C TYR A 157 14.84 14.40 -15.54
N VAL A 158 15.61 13.31 -15.58
CA VAL A 158 16.25 12.91 -16.82
C VAL A 158 15.24 12.30 -17.80
N PHE A 159 14.27 11.53 -17.31
CA PHE A 159 13.31 10.93 -18.24
C PHE A 159 12.51 11.98 -19.01
N PRO A 160 11.80 12.91 -18.36
CA PRO A 160 11.02 13.88 -19.16
C PRO A 160 11.88 14.77 -20.02
N ARG A 161 13.10 15.09 -19.58
CA ARG A 161 13.97 15.91 -20.41
C ARG A 161 14.46 15.13 -21.63
N THR A 162 14.87 13.88 -21.44
CA THR A 162 15.27 13.07 -22.58
C THR A 162 14.09 12.76 -23.49
N ALA A 163 12.93 12.45 -22.90
CA ALA A 163 11.74 12.17 -23.69
C ALA A 163 11.38 13.36 -24.57
N ASN A 164 11.40 14.56 -24.00
CA ASN A 164 11.07 15.75 -24.78
C ASN A 164 12.11 16.04 -25.85
N LYS A 165 13.38 15.71 -25.59
CA LYS A 165 14.39 15.81 -26.64
C LYS A 165 14.06 14.87 -27.79
N ILE A 166 13.64 13.65 -27.47
CA ILE A 166 13.22 12.71 -28.50
C ILE A 166 12.00 13.23 -29.25
N ILE A 167 11.01 13.74 -28.50
CA ILE A 167 9.78 14.23 -29.12
C ILE A 167 10.05 15.38 -30.07
N LYS A 168 10.93 16.30 -29.67
CA LYS A 168 11.24 17.44 -30.52
C LYS A 168 11.91 16.99 -31.81
N ALA A 169 12.85 16.05 -31.72
CA ALA A 169 13.49 15.51 -32.91
C ALA A 169 12.47 14.88 -33.85
N TYR A 170 11.53 14.11 -33.30
CA TYR A 170 10.54 13.44 -34.13
C TYR A 170 9.56 14.43 -34.73
N LEU A 171 9.15 15.44 -33.96
CA LEU A 171 8.21 16.43 -34.48
C LEU A 171 8.83 17.23 -35.62
N LYS A 172 10.11 17.57 -35.51
CA LYS A 172 10.81 18.25 -36.59
C LYS A 172 10.85 17.36 -37.85
N TYR A 173 11.04 16.06 -37.65
CA TYR A 173 11.02 15.13 -38.78
C TYR A 173 9.65 15.05 -39.43
N LEU A 174 8.59 15.07 -38.61
CA LEU A 174 7.24 14.92 -39.13
C LEU A 174 6.69 16.21 -39.74
N GLY A 175 7.15 17.36 -39.26
CA GLY A 175 6.58 18.63 -39.66
C GLY A 175 5.76 19.31 -38.60
N GLY A 176 5.82 18.84 -37.35
CA GLY A 176 5.17 19.50 -36.24
C GLY A 176 6.12 20.43 -35.52
N VAL A 177 5.56 21.20 -34.58
CA VAL A 177 6.33 22.16 -33.80
C VAL A 177 5.90 22.08 -32.34
N VAL A 178 6.82 22.49 -31.48
CA VAL A 178 6.57 22.64 -30.06
C VAL A 178 6.32 24.11 -29.77
N VAL A 179 5.17 24.44 -29.19
CA VAL A 179 4.80 25.81 -28.87
C VAL A 179 4.94 26.09 -27.37
N GLY A 180 5.54 25.17 -26.62
CA GLY A 180 5.73 25.35 -25.19
C GLY A 180 6.41 24.17 -24.53
N GLU A 181 7.23 24.43 -23.52
CA GLU A 181 7.96 23.39 -22.82
C GLU A 181 8.27 23.87 -21.42
N GLU A 182 7.70 23.19 -20.41
CA GLU A 182 7.84 23.60 -19.02
C GLU A 182 8.10 22.38 -18.16
N TYR A 183 8.94 22.56 -17.15
CA TYR A 183 9.27 21.50 -16.20
C TYR A 183 8.98 21.98 -14.78
N THR A 184 8.46 21.06 -13.97
CA THR A 184 8.25 21.29 -12.55
C THR A 184 8.97 20.21 -11.76
N PRO A 185 9.56 20.57 -10.62
CA PRO A 185 10.21 19.55 -9.79
C PRO A 185 9.21 18.48 -9.38
N LEU A 186 9.72 17.27 -9.16
CA LEU A 186 8.87 16.19 -8.69
C LEU A 186 8.20 16.61 -7.38
N GLY A 187 6.91 16.30 -7.26
CA GLY A 187 6.13 16.69 -6.10
C GLY A 187 5.52 18.08 -6.16
N HIS A 188 5.82 18.85 -7.21
CA HIS A 188 5.24 20.18 -7.37
C HIS A 188 3.71 20.09 -7.43
N THR A 189 3.03 21.06 -6.81
CA THR A 189 1.58 21.04 -6.72
C THR A 189 0.89 22.27 -7.28
N ASP A 190 1.61 23.36 -7.55
CA ASP A 190 1.02 24.61 -8.01
C ASP A 190 1.21 24.69 -9.52
N TYR A 191 0.16 24.40 -10.28
CA TYR A 191 0.21 24.43 -11.72
C TYR A 191 -0.58 25.58 -12.33
N SER A 192 -0.85 26.62 -11.53
CA SER A 192 -1.55 27.78 -12.04
C SER A 192 -0.75 28.51 -13.11
N SER A 193 0.56 28.64 -12.92
CA SER A 193 1.40 29.34 -13.88
C SER A 193 1.45 28.59 -15.20
N VAL A 194 1.71 27.28 -15.15
CA VAL A 194 1.75 26.47 -16.36
C VAL A 194 0.43 26.54 -17.10
N ILE A 195 -0.68 26.35 -16.37
CA ILE A 195 -2.01 26.36 -17.00
C ILE A 195 -2.31 27.71 -17.61
N ASN A 196 -1.87 28.80 -16.97
CA ASN A 196 -2.03 30.11 -17.57
C ASN A 196 -1.24 30.24 -18.86
N LYS A 197 0.00 29.72 -18.87
CA LYS A 197 0.79 29.72 -20.11
C LYS A 197 0.13 28.84 -21.17
N ILE A 198 -0.41 27.69 -20.77
CA ILE A 198 -1.09 26.82 -21.71
C ILE A 198 -2.30 27.52 -22.31
N LYS A 199 -3.08 28.22 -21.46
CA LYS A 199 -4.23 28.96 -21.96
C LYS A 199 -3.83 30.01 -22.98
N ALA A 200 -2.65 30.60 -22.84
CA ALA A 200 -2.23 31.67 -23.77
C ALA A 200 -1.66 31.09 -25.07
N ALA A 201 -0.99 29.95 -24.98
CA ALA A 201 -0.33 29.31 -26.15
C ALA A 201 -1.36 28.64 -27.06
N LYS A 202 -2.49 28.22 -26.50
CA LYS A 202 -3.55 27.50 -27.26
C LYS A 202 -2.92 26.35 -28.07
N PRO A 203 -2.25 25.37 -27.42
CA PRO A 203 -1.69 24.25 -28.13
C PRO A 203 -2.74 23.25 -28.63
N ASP A 204 -2.37 22.41 -29.57
CA ASP A 204 -3.26 21.35 -30.04
C ASP A 204 -3.37 20.22 -29.03
N VAL A 205 -2.29 19.95 -28.30
CA VAL A 205 -2.23 18.81 -27.40
C VAL A 205 -1.15 19.10 -26.37
N VAL A 206 -1.34 18.60 -25.16
CA VAL A 206 -0.30 18.57 -24.14
C VAL A 206 0.27 17.17 -24.08
N PHE A 207 1.59 17.06 -24.20
CA PHE A 207 2.27 15.78 -23.99
C PHE A 207 2.83 15.79 -22.57
N ASN A 208 2.24 14.99 -21.71
CA ASN A 208 2.48 15.04 -20.27
C ASN A 208 3.49 13.96 -19.87
N THR A 209 4.65 14.39 -19.38
CA THR A 209 5.62 13.49 -18.77
C THR A 209 5.78 13.74 -17.28
N LEU A 210 4.77 14.33 -16.63
CA LEU A 210 4.80 14.41 -15.18
C LEU A 210 4.75 13.01 -14.59
N ASN A 211 5.56 12.80 -13.55
CA ASN A 211 5.60 11.54 -12.83
C ASN A 211 5.22 11.80 -11.38
N GLY A 212 4.58 10.81 -10.76
CA GLY A 212 4.23 10.91 -9.36
C GLY A 212 2.97 11.72 -9.11
N ASP A 213 2.76 12.04 -7.81
CA ASP A 213 1.50 12.69 -7.45
C ASP A 213 1.43 14.15 -7.85
N SER A 214 2.44 14.67 -8.55
CA SER A 214 2.24 15.95 -9.25
C SER A 214 1.06 15.88 -10.19
N ASN A 215 0.79 14.69 -10.76
CA ASN A 215 -0.33 14.52 -11.66
C ASN A 215 -1.66 14.78 -10.98
N VAL A 216 -1.76 14.48 -9.68
CA VAL A 216 -3.01 14.72 -8.95
C VAL A 216 -3.35 16.20 -8.99
N ALA A 217 -2.36 17.06 -8.73
CA ALA A 217 -2.63 18.48 -8.66
C ALA A 217 -2.87 19.07 -10.04
N PHE A 218 -2.12 18.61 -11.05
CA PHE A 218 -2.21 19.22 -12.38
C PHE A 218 -3.59 18.98 -13.00
N PHE A 219 -4.05 17.74 -13.00
CA PHE A 219 -5.30 17.42 -13.68
C PHE A 219 -6.50 18.00 -12.95
N LYS A 220 -6.45 18.05 -11.62
CA LYS A 220 -7.52 18.70 -10.88
C LYS A 220 -7.57 20.20 -11.19
N GLN A 221 -6.41 20.85 -11.19
CA GLN A 221 -6.38 22.27 -11.51
C GLN A 221 -6.65 22.54 -12.98
N LEU A 222 -6.34 21.58 -13.86
CA LEU A 222 -6.66 21.74 -15.28
C LEU A 222 -8.17 21.77 -15.51
N LYS A 223 -8.90 20.84 -14.88
CA LYS A 223 -10.35 20.84 -15.01
C LYS A 223 -10.97 22.05 -14.34
N ASP A 224 -10.50 22.40 -13.14
CA ASP A 224 -11.02 23.57 -12.44
C ASP A 224 -10.70 24.87 -13.15
N ALA A 225 -9.67 24.88 -14.01
CA ALA A 225 -9.41 26.02 -14.87
C ALA A 225 -10.31 26.06 -16.09
N GLY A 226 -11.25 25.12 -16.21
CA GLY A 226 -12.21 25.10 -17.30
C GLY A 226 -11.75 24.43 -18.58
N ILE A 227 -10.69 23.64 -18.53
CA ILE A 227 -10.13 23.01 -19.73
C ILE A 227 -10.54 21.54 -19.74
N ASP A 228 -11.30 21.15 -20.75
CA ASP A 228 -11.76 19.78 -20.91
C ASP A 228 -10.94 19.07 -21.99
N ALA A 229 -11.11 17.75 -22.06
CA ALA A 229 -10.29 16.92 -22.94
C ALA A 229 -10.60 17.14 -24.42
N ASN A 230 -11.81 17.57 -24.75
CA ASN A 230 -12.11 17.86 -26.15
C ASN A 230 -11.45 19.17 -26.59
N THR A 231 -11.48 20.19 -25.73
CA THR A 231 -10.82 21.45 -26.04
C THR A 231 -9.30 21.29 -26.10
N LEU A 232 -8.75 20.47 -25.20
CA LEU A 232 -7.30 20.28 -25.13
C LEU A 232 -7.00 18.89 -24.59
N PRO A 233 -6.80 17.92 -25.47
CA PRO A 233 -6.41 16.58 -25.02
C PRO A 233 -5.01 16.57 -24.44
N VAL A 234 -4.82 15.74 -23.41
CA VAL A 234 -3.54 15.54 -22.76
C VAL A 234 -3.13 14.08 -22.98
N MET A 235 -1.98 13.87 -23.60
CA MET A 235 -1.44 12.53 -23.77
C MET A 235 -0.37 12.30 -22.70
N SER A 236 -0.54 11.23 -21.93
CA SER A 236 0.34 10.92 -20.82
C SER A 236 1.03 9.58 -21.05
N VAL A 237 2.28 9.49 -20.60
CA VAL A 237 3.06 8.28 -20.72
C VAL A 237 3.52 7.71 -19.39
N SER A 238 3.30 8.42 -18.28
CA SER A 238 3.76 7.96 -16.97
C SER A 238 2.62 7.78 -15.97
N ILE A 239 1.37 7.83 -16.43
CA ILE A 239 0.22 7.46 -15.58
C ILE A 239 -0.63 6.45 -16.33
N ALA A 240 -1.33 5.62 -15.56
CA ALA A 240 -2.22 4.61 -16.11
C ALA A 240 -3.36 4.39 -15.11
N GLU A 241 -3.98 3.21 -15.17
CA GLU A 241 -5.22 2.99 -14.43
C GLU A 241 -5.06 3.21 -12.93
N GLU A 242 -3.91 2.86 -12.38
CA GLU A 242 -3.70 3.02 -10.93
C GLU A 242 -3.71 4.50 -10.55
N GLU A 243 -2.91 5.31 -11.25
CA GLU A 243 -2.87 6.73 -10.96
C GLU A 243 -4.17 7.42 -11.34
N ILE A 244 -4.85 6.93 -12.37
CA ILE A 244 -6.14 7.51 -12.76
C ILE A 244 -7.14 7.38 -11.63
N LYS A 245 -7.12 6.25 -10.93
CA LYS A 245 -8.01 6.07 -9.77
C LYS A 245 -7.57 6.96 -8.62
N GLY A 246 -6.25 7.15 -8.44
CA GLY A 246 -5.78 8.03 -7.37
C GLY A 246 -6.12 9.48 -7.64
N ILE A 247 -6.05 9.91 -8.89
CA ILE A 247 -6.39 11.29 -9.24
C ILE A 247 -7.90 11.49 -9.26
N GLY A 248 -8.65 10.49 -9.69
CA GLY A 248 -10.07 10.65 -9.90
C GLY A 248 -10.39 10.67 -11.38
N PRO A 249 -11.10 9.66 -11.87
CA PRO A 249 -11.43 9.61 -13.30
C PRO A 249 -12.22 10.81 -13.80
N GLU A 250 -12.91 11.52 -12.91
CA GLU A 250 -13.68 12.69 -13.32
C GLU A 250 -12.78 13.79 -13.89
N TYR A 251 -11.50 13.79 -13.53
CA TYR A 251 -10.56 14.77 -14.09
C TYR A 251 -9.82 14.25 -15.31
N LEU A 252 -9.83 12.93 -15.53
CA LEU A 252 -9.08 12.32 -16.62
C LEU A 252 -9.95 11.86 -17.78
N LYS A 253 -11.27 11.88 -17.63
CA LYS A 253 -12.17 11.33 -18.65
C LYS A 253 -11.93 12.00 -20.00
N GLY A 254 -11.68 11.19 -21.03
CA GLY A 254 -11.47 11.66 -22.37
C GLY A 254 -10.02 11.93 -22.74
N HIS A 255 -9.14 12.05 -21.75
CA HIS A 255 -7.72 12.25 -22.05
C HIS A 255 -7.09 10.92 -22.52
N LEU A 256 -5.84 11.00 -22.96
CA LEU A 256 -5.23 9.93 -23.72
C LEU A 256 -4.00 9.37 -22.99
N VAL A 257 -3.69 8.09 -23.28
CA VAL A 257 -2.50 7.43 -22.78
C VAL A 257 -1.92 6.55 -23.89
N THR A 258 -0.63 6.23 -23.76
CA THR A 258 0.03 5.25 -24.60
C THR A 258 0.80 4.29 -23.72
N TRP A 259 0.51 3.00 -23.86
CA TRP A 259 1.16 1.97 -23.06
C TRP A 259 1.30 0.73 -23.93
N ASN A 260 1.72 -0.37 -23.30
CA ASN A 260 1.71 -1.69 -23.93
C ASN A 260 0.59 -2.57 -23.42
N TYR A 261 -0.12 -2.14 -22.38
CA TYR A 261 -1.13 -2.94 -21.72
C TYR A 261 -2.17 -2.04 -21.09
N PHE A 262 -3.44 -2.46 -21.15
CA PHE A 262 -4.49 -1.88 -20.33
C PHE A 262 -5.18 -3.03 -19.59
N GLN A 263 -5.79 -2.69 -18.44
CA GLN A 263 -6.59 -3.69 -17.73
C GLN A 263 -7.69 -4.26 -18.62
N SER A 264 -8.19 -3.46 -19.56
CA SER A 264 -9.29 -3.86 -20.44
C SER A 264 -8.83 -4.73 -21.60
N VAL A 265 -7.55 -5.10 -21.67
CA VAL A 265 -7.07 -5.92 -22.79
C VAL A 265 -7.77 -7.27 -22.76
N ASP A 266 -8.32 -7.67 -23.91
CA ASP A 266 -9.15 -8.88 -24.01
C ASP A 266 -8.30 -10.05 -24.49
N THR A 267 -7.64 -10.70 -23.55
CA THR A 267 -6.97 -11.98 -23.77
C THR A 267 -7.38 -12.94 -22.68
N PRO A 268 -7.23 -14.25 -22.92
CA PRO A 268 -7.48 -15.21 -21.82
C PRO A 268 -6.52 -15.02 -20.67
N GLU A 269 -5.26 -14.71 -20.97
CA GLU A 269 -4.26 -14.51 -19.91
C GLU A 269 -4.60 -13.29 -19.07
N ASN A 270 -5.11 -12.23 -19.69
CA ASN A 270 -5.40 -11.03 -18.91
C ASN A 270 -6.65 -11.20 -18.05
N LYS A 271 -7.65 -11.94 -18.55
CA LYS A 271 -8.80 -12.25 -17.72
C LYS A 271 -8.37 -12.95 -16.44
N GLU A 272 -7.45 -13.92 -16.57
CA GLU A 272 -6.93 -14.61 -15.39
C GLU A 272 -6.13 -13.67 -14.51
N PHE A 273 -5.28 -12.84 -15.11
CA PHE A 273 -4.42 -11.95 -14.34
C PHE A 273 -5.24 -10.96 -13.51
N VAL A 274 -6.24 -10.33 -14.15
CA VAL A 274 -7.05 -9.33 -13.45
C VAL A 274 -7.89 -9.99 -12.36
N GLU A 275 -8.42 -11.18 -12.63
CA GLU A 275 -9.18 -11.90 -11.60
C GLU A 275 -8.30 -12.23 -10.40
N LYS A 276 -7.09 -12.75 -10.64
CA LYS A 276 -6.22 -13.11 -9.54
C LYS A 276 -5.76 -11.88 -8.75
N TYR A 277 -5.49 -10.78 -9.45
CA TYR A 277 -5.07 -9.55 -8.79
C TYR A 277 -6.18 -9.01 -7.90
N LYS A 278 -7.43 -9.00 -8.39
CA LYS A 278 -8.54 -8.50 -7.59
C LYS A 278 -8.88 -9.47 -6.47
N LYS A 279 -8.73 -10.78 -6.71
CA LYS A 279 -8.99 -11.76 -5.66
C LYS A 279 -8.05 -11.59 -4.49
N LYS A 280 -6.78 -11.27 -4.76
CA LYS A 280 -5.81 -11.12 -3.69
C LYS A 280 -5.94 -9.78 -2.97
N TYR A 281 -6.16 -8.69 -3.71
CA TYR A 281 -6.09 -7.36 -3.13
C TYR A 281 -7.42 -6.63 -3.06
N GLY A 282 -8.48 -7.15 -3.66
CA GLY A 282 -9.77 -6.50 -3.60
C GLY A 282 -10.36 -6.21 -4.96
N GLU A 283 -11.68 -6.35 -5.08
CA GLU A 283 -12.35 -6.18 -6.37
C GLU A 283 -12.26 -4.75 -6.90
N ASP A 284 -11.97 -3.77 -6.03
CA ASP A 284 -11.83 -2.40 -6.48
C ASP A 284 -10.46 -2.10 -7.07
N ARG A 285 -9.48 -2.97 -6.88
CA ARG A 285 -8.14 -2.70 -7.38
C ARG A 285 -8.09 -2.85 -8.88
N VAL A 286 -7.24 -2.05 -9.51
CA VAL A 286 -7.06 -2.06 -10.95
C VAL A 286 -5.68 -2.62 -11.27
N THR A 287 -5.49 -2.98 -12.54
CA THR A 287 -4.19 -3.31 -13.08
C THR A 287 -3.84 -2.30 -14.16
N ASP A 288 -2.55 -2.18 -14.44
CA ASP A 288 -2.09 -1.32 -15.53
C ASP A 288 -0.77 -1.84 -16.06
N ASP A 289 -0.20 -1.10 -17.01
CA ASP A 289 1.00 -1.55 -17.70
C ASP A 289 2.18 -1.74 -16.75
N PRO A 290 2.56 -0.78 -15.89
CA PRO A 290 3.66 -1.05 -14.96
C PRO A 290 3.38 -2.22 -14.02
N ILE A 291 2.12 -2.39 -13.61
CA ILE A 291 1.77 -3.51 -12.73
C ILE A 291 2.00 -4.83 -13.44
N GLU A 292 1.58 -4.93 -14.70
CA GLU A 292 1.85 -6.14 -15.48
C GLU A 292 3.34 -6.37 -15.62
N ALA A 293 4.09 -5.32 -15.98
CA ALA A 293 5.52 -5.47 -16.19
C ALA A 293 6.24 -5.94 -14.93
N ALA A 294 5.83 -5.42 -13.77
CA ALA A 294 6.40 -5.90 -12.51
C ALA A 294 6.08 -7.37 -12.30
N TYR A 295 4.84 -7.77 -12.58
CA TYR A 295 4.45 -9.17 -12.51
C TYR A 295 5.22 -10.00 -13.54
N ILE A 296 5.38 -9.47 -14.75
N ILE A 296 5.41 -9.47 -14.74
CA ILE A 296 6.13 -10.17 -15.79
CA ILE A 296 6.13 -10.20 -15.78
C ILE A 296 7.57 -10.41 -15.33
C ILE A 296 7.58 -10.40 -15.37
N GLY A 297 8.20 -9.39 -14.76
CA GLY A 297 9.62 -9.47 -14.46
C GLY A 297 9.98 -10.58 -13.48
N VAL A 298 9.12 -10.80 -12.48
CA VAL A 298 9.36 -11.87 -11.53
C VAL A 298 9.33 -13.23 -12.24
N TYR A 299 8.30 -13.43 -13.08
CA TYR A 299 8.17 -14.69 -13.79
C TYR A 299 9.32 -14.90 -14.78
N LEU A 300 9.74 -13.84 -15.47
CA LEU A 300 10.80 -13.99 -16.46
C LEU A 300 12.15 -14.23 -15.80
N TRP A 301 12.42 -13.56 -14.68
CA TRP A 301 13.64 -13.84 -13.93
C TRP A 301 13.66 -15.27 -13.42
N ALA A 302 12.53 -15.73 -12.86
CA ALA A 302 12.45 -17.10 -12.36
C ALA A 302 12.64 -18.11 -13.47
N LYS A 303 12.12 -17.82 -14.67
CA LYS A 303 12.30 -18.73 -15.79
C LYS A 303 13.76 -18.79 -16.22
N ALA A 304 14.45 -17.65 -16.22
CA ALA A 304 15.86 -17.62 -16.58
C ALA A 304 16.69 -18.39 -15.56
N VAL A 305 16.34 -18.27 -14.28
CA VAL A 305 17.03 -19.03 -13.24
C VAL A 305 16.80 -20.52 -13.42
N GLU A 306 15.54 -20.90 -13.66
CA GLU A 306 15.22 -22.31 -13.88
C GLU A 306 15.96 -22.87 -15.09
N LYS A 307 16.01 -22.09 -16.17
CA LYS A 307 16.70 -22.56 -17.38
C LYS A 307 18.20 -22.63 -17.16
N ALA A 308 18.77 -21.64 -16.47
CA ALA A 308 20.20 -21.65 -16.19
C ALA A 308 20.58 -22.72 -15.18
N GLY A 309 19.63 -23.19 -14.37
CA GLY A 309 19.97 -24.08 -13.28
C GLY A 309 20.78 -23.42 -12.19
N SER A 310 20.76 -22.09 -12.12
CA SER A 310 21.55 -21.36 -11.15
C SER A 310 21.05 -19.92 -11.10
N THR A 311 21.19 -19.30 -9.93
CA THR A 311 20.92 -17.88 -9.77
C THR A 311 22.11 -17.02 -10.13
N ASP A 312 23.23 -17.63 -10.52
CA ASP A 312 24.42 -16.89 -10.90
C ASP A 312 24.09 -15.92 -12.03
N VAL A 313 24.45 -14.65 -11.83
CA VAL A 313 23.99 -13.58 -12.71
C VAL A 313 24.46 -13.80 -14.13
N ASP A 314 25.72 -14.22 -14.31
CA ASP A 314 26.24 -14.44 -15.66
C ASP A 314 25.48 -15.56 -16.37
N LYS A 315 25.11 -16.61 -15.64
CA LYS A 315 24.34 -17.69 -16.25
C LYS A 315 22.89 -17.27 -16.49
N VAL A 316 22.32 -16.49 -15.56
CA VAL A 316 20.95 -16.00 -15.75
C VAL A 316 20.88 -15.08 -16.96
N ARG A 317 21.88 -14.21 -17.12
CA ARG A 317 21.89 -13.30 -18.26
C ARG A 317 21.91 -14.06 -19.58
N GLU A 318 22.71 -15.13 -19.65
CA GLU A 318 22.80 -15.90 -20.88
C GLU A 318 21.50 -16.68 -21.15
N ALA A 319 20.93 -17.27 -20.10
CA ALA A 319 19.72 -18.07 -20.28
C ALA A 319 18.51 -17.19 -20.61
N ALA A 320 18.51 -15.94 -20.16
CA ALA A 320 17.35 -15.07 -20.37
C ALA A 320 17.17 -14.69 -21.83
N LYS A 321 18.23 -14.73 -22.63
CA LYS A 321 18.14 -14.33 -24.03
C LYS A 321 17.08 -15.16 -24.76
N GLY A 322 16.04 -14.48 -25.25
CA GLY A 322 15.03 -15.11 -26.06
C GLY A 322 13.90 -15.77 -25.30
N ILE A 323 13.92 -15.74 -23.97
CA ILE A 323 12.87 -16.40 -23.20
C ILE A 323 11.54 -15.69 -23.44
N GLU A 324 10.51 -16.48 -23.76
CA GLU A 324 9.18 -15.96 -24.03
C GLU A 324 8.29 -16.06 -22.79
N PHE A 325 7.12 -15.41 -22.88
CA PHE A 325 6.11 -15.46 -21.84
C PHE A 325 4.78 -15.02 -22.43
N ASN A 326 3.72 -15.78 -22.18
CA ASN A 326 2.37 -15.37 -22.57
C ASN A 326 1.83 -14.39 -21.53
N ALA A 327 2.20 -13.13 -21.71
CA ALA A 327 1.83 -12.09 -20.78
C ALA A 327 0.36 -11.72 -20.96
N PRO A 328 -0.24 -11.10 -19.94
CA PRO A 328 -1.62 -10.61 -20.08
C PRO A 328 -1.83 -9.69 -21.28
N GLU A 329 -0.81 -8.91 -21.65
CA GLU A 329 -0.90 -8.02 -22.81
C GLU A 329 -0.78 -8.75 -24.14
N GLY A 330 -0.31 -10.00 -24.11
CA GLY A 330 0.02 -10.72 -25.32
C GLY A 330 1.40 -11.32 -25.21
N PRO A 331 1.89 -11.94 -26.28
CA PRO A 331 3.22 -12.57 -26.22
C PRO A 331 4.31 -11.53 -26.06
N VAL A 332 5.24 -11.83 -25.14
CA VAL A 332 6.43 -11.02 -24.93
C VAL A 332 7.64 -11.95 -24.97
N LYS A 333 8.82 -11.34 -25.04
CA LYS A 333 10.05 -12.09 -25.14
C LYS A 333 11.20 -11.17 -24.75
N ILE A 334 12.20 -11.72 -24.06
CA ILE A 334 13.39 -10.95 -23.71
C ILE A 334 14.27 -10.84 -24.94
N ASP A 335 14.51 -9.61 -25.39
CA ASP A 335 15.36 -9.35 -26.53
C ASP A 335 16.82 -9.56 -26.12
N GLY A 336 17.45 -10.60 -26.68
CA GLY A 336 18.83 -10.89 -26.31
C GLY A 336 19.79 -9.77 -26.68
N ASP A 337 19.41 -8.93 -27.63
CA ASP A 337 20.29 -7.85 -28.05
C ASP A 337 20.48 -6.80 -26.96
N ASN A 338 19.46 -6.57 -26.14
CA ASN A 338 19.51 -5.44 -25.21
C ASN A 338 18.80 -5.69 -23.88
N GLN A 339 18.31 -6.90 -23.62
CA GLN A 339 17.64 -7.25 -22.37
C GLN A 339 16.38 -6.43 -22.13
N HIS A 340 15.80 -5.92 -23.21
CA HIS A 340 14.47 -5.24 -23.13
C HIS A 340 13.43 -6.28 -23.56
N LEU A 341 12.16 -5.89 -23.62
CA LEU A 341 11.08 -6.85 -23.97
C LEU A 341 10.41 -6.48 -25.29
N TYR A 342 10.10 -7.49 -26.09
CA TYR A 342 9.25 -7.24 -27.28
C TYR A 342 7.85 -7.00 -26.72
N LYS A 343 7.22 -5.90 -27.10
CA LYS A 343 5.89 -5.59 -26.54
C LYS A 343 4.98 -4.95 -27.60
N THR A 344 3.67 -5.16 -27.45
CA THR A 344 2.70 -4.52 -28.32
C THR A 344 2.50 -3.07 -27.89
N VAL A 345 2.26 -2.20 -28.86
CA VAL A 345 1.99 -0.78 -28.59
C VAL A 345 0.49 -0.56 -28.64
N ARG A 346 -0.06 0.15 -27.65
CA ARG A 346 -1.48 0.45 -27.58
C ARG A 346 -1.69 1.90 -27.18
N ILE A 347 -2.64 2.56 -27.83
CA ILE A 347 -3.08 3.90 -27.49
C ILE A 347 -4.56 3.85 -27.17
N GLY A 348 -4.96 4.55 -26.11
CA GLY A 348 -6.33 4.53 -25.66
C GLY A 348 -6.74 5.82 -25.00
N GLU A 349 -8.05 5.97 -24.82
CA GLU A 349 -8.62 7.11 -24.12
C GLU A 349 -9.23 6.65 -22.80
N ILE A 350 -9.20 7.55 -21.82
CA ILE A 350 -9.65 7.24 -20.48
C ILE A 350 -11.17 7.36 -20.42
N LEU A 351 -11.83 6.35 -19.85
CA LEU A 351 -13.27 6.33 -19.74
C LEU A 351 -13.72 6.91 -18.40
N GLU A 352 -15.04 7.04 -18.25
CA GLU A 352 -15.61 7.64 -17.05
C GLU A 352 -15.24 6.85 -15.79
N ASN A 353 -15.05 5.54 -15.91
CA ASN A 353 -14.73 4.71 -14.77
C ASN A 353 -13.23 4.53 -14.56
N GLY A 354 -12.41 5.28 -15.28
CA GLY A 354 -10.96 5.16 -15.15
C GLY A 354 -10.35 4.05 -15.97
N GLN A 355 -11.15 3.23 -16.65
CA GLN A 355 -10.63 2.24 -17.55
C GLN A 355 -10.27 2.88 -18.89
N ILE A 356 -9.59 2.11 -19.74
CA ILE A 356 -9.06 2.60 -21.01
C ILE A 356 -9.79 1.91 -22.15
N ARG A 357 -10.26 2.71 -23.11
CA ARG A 357 -10.79 2.20 -24.37
C ARG A 357 -9.71 2.31 -25.43
N GLU A 358 -9.26 1.17 -25.95
CA GLU A 358 -8.17 1.15 -26.92
C GLU A 358 -8.63 1.75 -28.24
N LEU A 359 -7.86 2.71 -28.75
CA LEU A 359 -8.13 3.33 -30.03
C LEU A 359 -7.26 2.80 -31.15
N TRP A 360 -6.07 2.31 -30.83
CA TRP A 360 -5.09 1.92 -31.84
C TRP A 360 -4.06 0.99 -31.21
N LYS A 361 -3.51 0.09 -32.02
CA LYS A 361 -2.48 -0.82 -31.55
C LYS A 361 -1.72 -1.37 -32.75
N THR A 362 -0.51 -1.84 -32.50
CA THR A 362 0.23 -2.58 -33.51
C THR A 362 -0.32 -4.00 -33.59
N ASN A 363 -0.19 -4.59 -34.78
CA ASN A 363 -0.71 -5.93 -35.01
C ASN A 363 0.16 -7.03 -34.41
N LYS A 364 1.39 -6.71 -34.01
CA LYS A 364 2.31 -7.68 -33.45
C LYS A 364 3.21 -6.96 -32.46
N PRO A 365 3.84 -7.70 -31.53
CA PRO A 365 4.80 -7.07 -30.63
C PRO A 365 5.94 -6.44 -31.40
N VAL A 366 6.45 -5.33 -30.87
CA VAL A 366 7.50 -4.55 -31.51
C VAL A 366 8.82 -4.87 -30.82
N LYS A 367 9.86 -5.10 -31.62
CA LYS A 367 11.19 -5.31 -31.08
C LYS A 367 11.64 -4.05 -30.35
N PRO A 368 12.21 -4.17 -29.16
CA PRO A 368 12.66 -2.96 -28.44
C PRO A 368 13.91 -2.36 -29.07
N ASP A 369 13.91 -1.03 -29.15
CA ASP A 369 14.94 -0.28 -29.86
C ASP A 369 15.32 0.93 -29.02
N PRO A 370 15.99 0.71 -27.88
CA PRO A 370 16.20 1.83 -26.93
C PRO A 370 17.11 2.93 -27.45
N TYR A 371 17.96 2.66 -28.44
CA TYR A 371 18.79 3.70 -29.03
C TYR A 371 18.21 4.26 -30.31
N LEU A 372 16.99 3.84 -30.68
CA LEU A 372 16.29 4.36 -31.85
C LEU A 372 17.13 4.21 -33.11
N LYS A 373 17.79 3.06 -33.24
CA LYS A 373 18.66 2.81 -34.38
C LYS A 373 17.87 2.68 -35.68
N GLY A 374 16.59 2.32 -35.60
CA GLY A 374 15.74 2.24 -36.76
C GLY A 374 15.12 3.55 -37.19
N TYR A 375 15.51 4.65 -36.58
CA TYR A 375 14.98 5.98 -36.90
C TYR A 375 16.15 6.89 -37.24
N GLU A 376 16.27 7.24 -38.52
CA GLU A 376 17.42 8.04 -38.95
C GLU A 376 17.40 9.44 -38.36
N TRP A 377 16.22 9.96 -38.02
CA TRP A 377 16.12 11.28 -37.41
C TRP A 377 16.66 11.31 -35.99
N ALA A 378 16.90 10.15 -35.37
CA ALA A 378 17.39 10.07 -34.00
C ALA A 378 18.90 9.90 -33.93
N GLN A 379 19.62 10.36 -34.96
CA GLN A 379 21.05 10.10 -35.06
C GLN A 379 21.84 10.80 -33.97
N GLY A 380 21.60 12.09 -33.78
CA GLY A 380 22.42 12.91 -32.91
C GLY A 380 22.03 12.95 -31.45
N LEU A 381 21.06 12.16 -31.01
CA LEU A 381 20.61 12.21 -29.63
C LEU A 381 21.65 11.60 -28.69
N THR B 14 16.46 17.70 10.56
CA THR B 14 15.19 16.99 10.65
C THR B 14 15.11 16.11 11.89
N ILE B 15 13.88 15.76 12.26
CA ILE B 15 13.61 14.81 13.33
C ILE B 15 13.14 13.52 12.67
N LYS B 16 13.94 12.46 12.77
CA LYS B 16 13.59 11.21 12.14
C LYS B 16 12.60 10.42 12.98
N VAL B 17 11.58 9.88 12.32
CA VAL B 17 10.57 9.05 12.97
C VAL B 17 10.47 7.74 12.21
N GLY B 18 10.31 6.64 12.95
CA GLY B 18 10.22 5.33 12.36
C GLY B 18 8.79 4.94 12.05
N ILE B 19 8.63 4.21 10.94
CA ILE B 19 7.36 3.63 10.54
C ILE B 19 7.62 2.15 10.31
N LEU B 20 7.02 1.30 11.15
CA LEU B 20 7.34 -0.13 11.19
C LEU B 20 6.05 -0.94 11.08
N HIS B 21 5.74 -1.41 9.87
CA HIS B 21 4.49 -2.10 9.62
C HIS B 21 4.73 -3.25 8.66
N SER B 22 3.79 -4.19 8.66
CA SER B 22 3.82 -5.29 7.70
C SER B 22 3.41 -4.76 6.33
N LEU B 23 4.40 -4.50 5.49
CA LEU B 23 4.14 -4.15 4.10
C LEU B 23 4.14 -5.37 3.19
N SER B 24 4.52 -6.53 3.73
CA SER B 24 4.43 -7.80 3.02
C SER B 24 3.94 -8.85 4.01
N GLY B 25 3.45 -9.97 3.47
CA GLY B 25 2.97 -11.04 4.32
C GLY B 25 1.49 -10.96 4.60
N THR B 26 1.05 -11.89 5.46
CA THR B 26 -0.37 -12.07 5.71
C THR B 26 -1.02 -10.88 6.38
N MET B 27 -0.25 -10.06 7.11
CA MET B 27 -0.79 -8.89 7.80
C MET B 27 -0.88 -7.65 6.93
N SER B 28 -0.25 -7.66 5.75
CA SER B 28 -0.13 -6.44 4.94
C SER B 28 -1.49 -5.93 4.46
N ILE B 29 -2.50 -6.80 4.40
CA ILE B 29 -3.86 -6.34 4.08
C ILE B 29 -4.31 -5.28 5.08
N SER B 30 -3.85 -5.39 6.33
CA SER B 30 -4.27 -4.49 7.40
C SER B 30 -3.31 -3.31 7.60
N GLU B 31 -1.99 -3.55 7.49
CA GLU B 31 -1.01 -2.60 7.99
C GLU B 31 -0.53 -1.58 6.96
N VAL B 32 -0.70 -1.83 5.67
CA VAL B 32 -0.21 -0.90 4.66
C VAL B 32 -0.90 0.44 4.79
N SER B 33 -2.23 0.43 5.00
CA SER B 33 -2.96 1.68 5.14
C SER B 33 -2.63 2.42 6.43
N LEU B 34 -2.02 1.74 7.41
CA LEU B 34 -1.55 2.45 8.59
C LEU B 34 -0.33 3.30 8.27
N LYS B 35 0.60 2.75 7.47
CA LYS B 35 1.72 3.55 6.98
C LYS B 35 1.23 4.76 6.19
N ASP B 36 0.17 4.59 5.41
CA ASP B 36 -0.42 5.71 4.68
C ASP B 36 -0.95 6.76 5.63
N ALA B 37 -1.67 6.33 6.67
CA ALA B 37 -2.26 7.26 7.62
C ALA B 37 -1.18 8.02 8.38
N GLU B 38 -0.09 7.33 8.75
CA GLU B 38 1.00 8.00 9.47
C GLU B 38 1.71 9.00 8.57
N LEU B 39 1.94 8.64 7.30
CA LEU B 39 2.60 9.56 6.39
C LEU B 39 1.74 10.79 6.11
N MET B 40 0.42 10.63 6.04
CA MET B 40 -0.45 11.78 5.84
C MET B 40 -0.35 12.75 7.01
N ALA B 41 -0.39 12.22 8.23
CA ALA B 41 -0.24 13.07 9.41
C ALA B 41 1.12 13.77 9.41
N ILE B 42 2.17 13.06 9.01
CA ILE B 42 3.50 13.66 8.94
C ILE B 42 3.53 14.77 7.91
N GLU B 43 2.97 14.52 6.71
CA GLU B 43 2.94 15.55 5.69
C GLU B 43 2.16 16.78 6.16
N GLU B 44 1.04 16.56 6.86
CA GLU B 44 0.27 17.68 7.38
C GLU B 44 1.07 18.49 8.39
N ILE B 45 1.79 17.81 9.29
CA ILE B 45 2.54 18.51 10.32
C ILE B 45 3.72 19.27 9.72
N ASN B 46 4.40 18.67 8.74
CA ASN B 46 5.52 19.32 8.10
C ASN B 46 5.09 20.58 7.35
N ASN B 47 3.95 20.51 6.66
CA ASN B 47 3.45 21.67 5.94
C ASN B 47 3.03 22.80 6.87
N ASN B 48 2.74 22.50 8.13
CA ASN B 48 2.36 23.51 9.12
C ASN B 48 3.54 24.03 9.91
N GLY B 49 4.77 23.77 9.48
CA GLY B 49 5.96 24.23 10.17
C GLY B 49 6.72 23.16 10.94
N GLY B 50 6.29 21.90 10.86
CA GLY B 50 7.02 20.84 11.53
C GLY B 50 6.91 20.91 13.04
N VAL B 51 7.96 20.42 13.71
CA VAL B 51 7.96 20.23 15.15
C VAL B 51 9.28 20.79 15.70
N LEU B 52 9.18 21.71 16.66
CA LEU B 52 10.35 22.37 17.24
C LEU B 52 11.22 23.01 16.15
N GLY B 53 10.55 23.56 15.14
CA GLY B 53 11.26 24.20 14.04
C GLY B 53 11.94 23.25 13.09
N LYS B 54 11.68 21.94 13.19
CA LYS B 54 12.27 20.94 12.33
C LYS B 54 11.19 20.17 11.60
N LYS B 55 11.56 19.61 10.45
CA LYS B 55 10.67 18.74 9.71
C LYS B 55 10.82 17.30 10.17
N LEU B 56 9.76 16.53 10.01
CA LEU B 56 9.77 15.12 10.34
C LEU B 56 10.20 14.32 9.12
N GLU B 57 11.12 13.38 9.34
CA GLU B 57 11.64 12.54 8.25
C GLU B 57 11.31 11.08 8.54
N PRO B 58 10.34 10.49 7.85
CA PRO B 58 9.97 9.10 8.14
C PRO B 58 10.96 8.10 7.57
N ILE B 59 11.30 7.10 8.39
CA ILE B 59 12.10 5.95 7.98
C ILE B 59 11.17 4.75 7.98
N VAL B 60 10.79 4.30 6.79
CA VAL B 60 9.80 3.25 6.62
C VAL B 60 10.50 1.90 6.56
N GLU B 61 10.06 0.96 7.40
CA GLU B 61 10.62 -0.38 7.44
C GLU B 61 9.52 -1.42 7.41
N ASP B 62 9.71 -2.45 6.60
CA ASP B 62 8.76 -3.54 6.48
C ASP B 62 8.99 -4.54 7.60
N GLY B 63 7.95 -4.79 8.40
CA GLY B 63 8.03 -5.84 9.41
C GLY B 63 7.75 -7.23 8.86
N ALA B 64 7.14 -7.30 7.68
CA ALA B 64 7.02 -8.54 6.91
C ALA B 64 6.16 -9.59 7.60
N SER B 65 5.24 -9.14 8.46
CA SER B 65 4.38 -10.04 9.24
C SER B 65 5.22 -11.08 10.00
N ASP B 66 6.43 -10.68 10.38
CA ASP B 66 7.40 -11.58 11.00
C ASP B 66 7.88 -10.92 12.29
N TRP B 67 7.48 -11.50 13.42
CA TRP B 67 7.74 -10.88 14.70
C TRP B 67 9.23 -10.77 15.02
N PRO B 68 10.09 -11.75 14.70
CA PRO B 68 11.54 -11.49 14.78
C PRO B 68 11.99 -10.31 13.92
N THR B 69 11.43 -10.17 12.71
CA THR B 69 11.79 -9.03 11.86
C THR B 69 11.35 -7.71 12.48
N PHE B 70 10.17 -7.70 13.11
CA PHE B 70 9.72 -6.50 13.82
C PHE B 70 10.73 -6.10 14.90
N ALA B 71 11.30 -7.08 15.60
CA ALA B 71 12.23 -6.77 16.69
C ALA B 71 13.54 -6.21 16.16
N GLU B 72 14.09 -6.82 15.11
CA GLU B 72 15.37 -6.34 14.58
C GLU B 72 15.22 -5.00 13.88
N LYS B 73 14.08 -4.76 13.23
CA LYS B 73 13.85 -3.46 12.59
C LYS B 73 13.70 -2.36 13.64
N ALA B 74 13.05 -2.66 14.75
CA ALA B 74 12.93 -1.69 15.83
C ALA B 74 14.31 -1.35 16.41
N LYS B 75 15.17 -2.37 16.55
CA LYS B 75 16.52 -2.12 17.04
C LYS B 75 17.30 -1.25 16.07
N LYS B 76 17.15 -1.48 14.77
CA LYS B 76 17.85 -0.67 13.78
C LYS B 76 17.34 0.77 13.79
N LEU B 77 16.03 0.96 13.87
CA LEU B 77 15.48 2.31 13.85
C LEU B 77 15.95 3.11 15.06
N LEU B 78 16.03 2.46 16.22
CA LEU B 78 16.43 3.17 17.44
C LEU B 78 17.94 3.39 17.49
N GLN B 79 18.73 2.37 17.15
CA GLN B 79 20.18 2.43 17.37
C GLN B 79 20.94 2.96 16.16
N LYS B 80 20.52 2.59 14.95
CA LYS B 80 21.22 3.05 13.76
C LYS B 80 20.65 4.35 13.22
N ASP B 81 19.35 4.35 12.89
CA ASP B 81 18.72 5.56 12.36
C ASP B 81 18.50 6.62 13.45
N LYS B 82 18.49 6.22 14.72
CA LYS B 82 18.34 7.13 15.84
C LYS B 82 17.02 7.91 15.76
N VAL B 83 15.92 7.18 15.55
CA VAL B 83 14.62 7.84 15.48
C VAL B 83 14.21 8.30 16.88
N ALA B 84 13.29 9.27 16.90
CA ALA B 84 12.73 9.77 18.14
C ALA B 84 11.52 8.98 18.60
N VAL B 85 10.91 8.20 17.72
CA VAL B 85 9.70 7.45 18.02
C VAL B 85 9.47 6.46 16.87
N ILE B 86 8.79 5.35 17.17
CA ILE B 86 8.40 4.38 16.16
C ILE B 86 6.89 4.27 16.17
N PHE B 87 6.27 4.51 15.02
CA PHE B 87 4.85 4.22 14.82
C PHE B 87 4.75 2.88 14.10
N GLY B 88 4.08 1.92 14.70
CA GLY B 88 3.92 0.65 14.02
C GLY B 88 3.38 -0.45 14.92
N ALA B 89 3.54 -1.67 14.42
CA ALA B 89 3.02 -2.93 14.98
C ALA B 89 1.52 -3.06 14.76
N TRP B 90 1.03 -4.31 14.68
CA TRP B 90 -0.39 -4.60 14.65
C TRP B 90 -0.69 -5.77 15.57
N THR B 91 -0.25 -6.98 15.19
CA THR B 91 -0.44 -8.13 16.05
C THR B 91 0.26 -7.93 17.38
N SER B 92 -0.36 -8.43 18.45
CA SER B 92 0.27 -8.37 19.77
C SER B 92 1.58 -9.15 19.77
N ALA B 93 1.72 -10.13 18.88
CA ALA B 93 2.99 -10.80 18.71
C ALA B 93 4.06 -9.84 18.22
N SER B 94 3.71 -8.98 17.25
CA SER B 94 4.66 -7.98 16.78
C SER B 94 4.93 -6.91 17.84
N ARG B 95 3.89 -6.49 18.56
CA ARG B 95 4.08 -5.51 19.61
C ARG B 95 4.95 -6.07 20.73
N LYS B 96 4.66 -7.29 21.18
CA LYS B 96 5.46 -7.89 22.24
C LYS B 96 6.87 -8.23 21.80
N ALA B 97 7.11 -8.32 20.48
CA ALA B 97 8.47 -8.47 20.00
C ALA B 97 9.21 -7.13 20.05
N VAL B 98 8.49 -6.04 19.81
CA VAL B 98 9.10 -4.71 19.87
C VAL B 98 9.26 -4.26 21.32
N LEU B 99 8.39 -4.74 22.22
CA LEU B 99 8.38 -4.27 23.61
C LEU B 99 9.74 -4.31 24.28
N PRO B 100 10.47 -5.42 24.31
CA PRO B 100 11.78 -5.41 24.98
C PRO B 100 12.79 -4.48 24.32
N VAL B 101 12.64 -4.20 23.03
CA VAL B 101 13.59 -3.34 22.35
C VAL B 101 13.41 -1.88 22.78
N VAL B 102 12.17 -1.38 22.74
CA VAL B 102 11.96 0.01 23.14
C VAL B 102 12.16 0.17 24.65
N GLU B 103 11.89 -0.86 25.43
CA GLU B 103 12.12 -0.75 26.87
C GLU B 103 13.61 -0.73 27.20
N GLU B 104 14.39 -1.58 26.53
CA GLU B 104 15.83 -1.63 26.82
C GLU B 104 16.56 -0.40 26.30
N ASN B 105 16.10 0.19 25.20
CA ASN B 105 16.72 1.37 24.62
C ASN B 105 16.05 2.67 25.07
N ASN B 106 15.09 2.58 25.99
CA ASN B 106 14.23 3.72 26.36
C ASN B 106 13.73 4.43 25.12
N GLY B 107 13.18 3.65 24.19
CA GLY B 107 12.52 4.19 23.03
C GLY B 107 11.03 4.32 23.25
N LEU B 108 10.34 4.82 22.23
CA LEU B 108 8.90 4.98 22.27
C LEU B 108 8.28 4.30 21.05
N LEU B 109 7.25 3.50 21.29
CA LEU B 109 6.44 2.92 20.22
C LEU B 109 5.02 3.43 20.37
N PHE B 110 4.47 3.98 19.30
CA PHE B 110 3.07 4.38 19.27
C PHE B 110 2.31 3.30 18.51
N TYR B 111 1.46 2.57 19.23
CA TYR B 111 0.81 1.36 18.77
C TYR B 111 -0.67 1.64 18.53
N PRO B 112 -1.17 1.53 17.29
CA PRO B 112 -2.53 2.00 16.98
C PRO B 112 -3.61 0.91 16.91
N VAL B 113 -3.38 -0.29 17.42
CA VAL B 113 -4.26 -1.42 17.14
C VAL B 113 -4.92 -1.91 18.42
N GLN B 114 -6.22 -2.21 18.33
CA GLN B 114 -6.94 -2.88 19.39
C GLN B 114 -6.20 -4.14 19.81
N TYR B 115 -6.33 -4.51 21.09
CA TYR B 115 -5.58 -5.65 21.59
C TYR B 115 -6.20 -6.12 22.91
N GLU B 116 -5.52 -7.07 23.54
CA GLU B 116 -6.05 -7.84 24.66
C GLU B 116 -5.85 -7.16 26.01
N GLY B 117 -5.13 -6.05 26.07
CA GLY B 117 -4.85 -5.47 27.37
C GLY B 117 -3.82 -6.29 28.13
N LEU B 118 -3.95 -6.29 29.47
CA LEU B 118 -3.05 -7.02 30.35
C LEU B 118 -1.59 -6.63 30.12
N GLU B 119 -1.38 -5.37 29.78
CA GLU B 119 -0.05 -4.86 29.46
C GLU B 119 -0.08 -3.35 29.61
N SER B 120 1.06 -2.79 30.02
CA SER B 120 1.21 -1.35 30.13
C SER B 120 2.68 -0.98 30.16
N SER B 121 3.36 -1.15 29.02
CA SER B 121 4.77 -0.79 28.95
C SER B 121 4.93 0.72 29.08
N PRO B 122 5.87 1.18 29.90
CA PRO B 122 6.17 2.62 29.95
C PRO B 122 6.78 3.16 28.67
N ASN B 123 7.10 2.28 27.71
CA ASN B 123 7.70 2.69 26.45
C ASN B 123 6.76 2.48 25.27
N ILE B 124 5.48 2.23 25.53
CA ILE B 124 4.47 2.09 24.48
C ILE B 124 3.33 3.05 24.79
N PHE B 125 2.87 3.76 23.77
CA PHE B 125 1.62 4.51 23.85
C PHE B 125 0.59 3.79 23.00
N TYR B 126 -0.53 3.43 23.62
CA TYR B 126 -1.51 2.53 23.01
C TYR B 126 -2.66 3.39 22.48
N MET B 127 -2.71 3.55 21.17
CA MET B 127 -3.80 4.31 20.55
C MET B 127 -4.99 3.45 20.17
N GLY B 128 -4.85 2.12 20.19
CA GLY B 128 -5.95 1.23 19.92
C GLY B 128 -6.70 0.83 21.18
N ALA B 129 -7.86 0.22 20.99
CA ALA B 129 -8.78 -0.04 22.09
C ALA B 129 -8.16 -1.01 23.11
N ALA B 130 -8.31 -0.67 24.38
CA ALA B 130 -8.15 -1.64 25.44
C ALA B 130 -9.38 -2.54 25.49
N PRO B 131 -9.28 -3.73 26.10
CA PRO B 131 -10.41 -4.66 26.06
C PRO B 131 -11.69 -4.10 26.64
N ASN B 132 -11.62 -3.25 27.67
CA ASN B 132 -12.82 -2.63 28.19
C ASN B 132 -13.42 -1.63 27.20
N GLN B 133 -12.67 -1.26 26.17
CA GLN B 133 -13.14 -0.34 25.14
C GLN B 133 -13.53 -1.06 23.85
N GLN B 134 -13.56 -2.40 23.85
CA GLN B 134 -13.95 -3.13 22.64
C GLN B 134 -14.53 -4.50 22.96
N ILE B 135 -13.67 -5.45 23.33
CA ILE B 135 -14.10 -6.85 23.42
C ILE B 135 -15.13 -7.02 24.52
N VAL B 136 -14.89 -6.41 25.68
CA VAL B 136 -15.80 -6.57 26.81
C VAL B 136 -17.19 -6.04 26.48
N PRO B 137 -17.38 -4.80 26.00
CA PRO B 137 -18.73 -4.37 25.64
C PRO B 137 -19.30 -5.10 24.43
N ALA B 138 -18.46 -5.65 23.57
CA ALA B 138 -18.96 -6.46 22.46
C ALA B 138 -19.71 -7.68 22.99
N VAL B 139 -19.12 -8.36 23.97
CA VAL B 139 -19.77 -9.52 24.58
C VAL B 139 -21.08 -9.11 25.24
N LYS B 140 -21.05 -8.03 26.01
CA LYS B 140 -22.23 -7.61 26.77
C LYS B 140 -23.39 -7.29 25.84
N TRP B 141 -23.12 -6.52 24.78
CA TRP B 141 -24.16 -6.17 23.83
C TRP B 141 -24.73 -7.42 23.15
N LEU B 142 -23.86 -8.34 22.75
CA LEU B 142 -24.33 -9.58 22.15
C LEU B 142 -25.20 -10.37 23.11
N PHE B 143 -24.74 -10.51 24.36
CA PHE B 143 -25.53 -11.21 25.38
C PHE B 143 -26.87 -10.53 25.61
N ASP B 144 -26.86 -9.20 25.74
CA ASP B 144 -28.10 -8.46 25.96
C ASP B 144 -29.06 -8.56 24.78
N ASN B 145 -28.58 -8.98 23.61
CA ASN B 145 -29.42 -9.10 22.43
C ASN B 145 -29.67 -10.56 22.05
N GLY B 146 -29.58 -11.46 23.03
CA GLY B 146 -30.04 -12.83 22.88
C GLY B 146 -28.97 -13.84 22.51
N LYS B 147 -27.73 -13.41 22.25
CA LYS B 147 -26.67 -14.34 21.86
C LYS B 147 -26.05 -14.92 23.12
N LYS B 148 -26.36 -16.19 23.41
CA LYS B 148 -25.91 -16.85 24.62
C LYS B 148 -24.85 -17.90 24.39
N ARG B 149 -24.80 -18.51 23.20
CA ARG B 149 -23.88 -19.61 22.92
C ARG B 149 -22.85 -19.14 21.91
N PHE B 150 -21.64 -18.86 22.39
CA PHE B 150 -20.58 -18.28 21.58
C PHE B 150 -19.70 -19.37 20.98
N TYR B 151 -19.31 -19.18 19.71
CA TYR B 151 -18.27 -19.98 19.07
C TYR B 151 -17.08 -19.07 18.83
N LEU B 152 -15.93 -19.43 19.40
CA LEU B 152 -14.74 -18.61 19.36
C LEU B 152 -13.80 -19.10 18.27
N LEU B 153 -13.48 -18.23 17.32
CA LEU B 153 -12.54 -18.52 16.25
C LEU B 153 -11.55 -17.38 16.13
N GLY B 154 -10.26 -17.70 16.15
CA GLY B 154 -9.23 -16.68 16.01
C GLY B 154 -7.93 -17.27 15.51
N SER B 155 -6.95 -16.40 15.33
CA SER B 155 -5.62 -16.82 14.91
C SER B 155 -4.83 -17.30 16.12
N ASP B 156 -3.85 -18.17 15.86
CA ASP B 156 -3.13 -18.86 16.95
C ASP B 156 -1.92 -18.02 17.36
N TYR B 157 -2.18 -17.04 18.21
CA TYR B 157 -1.12 -16.27 18.87
C TYR B 157 -1.74 -15.55 20.07
N VAL B 158 -0.97 -14.65 20.68
CA VAL B 158 -1.28 -14.23 22.05
C VAL B 158 -2.55 -13.38 22.12
N PHE B 159 -2.86 -12.57 21.09
CA PHE B 159 -4.07 -11.74 21.21
C PHE B 159 -5.35 -12.57 21.20
N PRO B 160 -5.61 -13.44 20.21
CA PRO B 160 -6.88 -14.20 20.26
C PRO B 160 -6.95 -15.15 21.44
N ARG B 161 -5.82 -15.74 21.85
CA ARG B 161 -5.82 -16.60 23.03
C ARG B 161 -6.21 -15.83 24.28
N THR B 162 -5.63 -14.64 24.47
CA THR B 162 -5.94 -13.83 25.65
C THR B 162 -7.34 -13.24 25.54
N ALA B 163 -7.72 -12.78 24.34
CA ALA B 163 -9.07 -12.26 24.13
C ALA B 163 -10.12 -13.29 24.50
N ASN B 164 -9.97 -14.52 24.00
CA ASN B 164 -10.93 -15.57 24.30
C ASN B 164 -10.90 -15.94 25.78
N LYS B 165 -9.74 -15.85 26.43
CA LYS B 165 -9.68 -16.02 27.87
C LYS B 165 -10.53 -14.97 28.58
N ILE B 166 -10.46 -13.73 28.13
CA ILE B 166 -11.31 -12.68 28.68
C ILE B 166 -12.78 -12.99 28.41
N ILE B 167 -13.08 -13.39 27.17
CA ILE B 167 -14.47 -13.58 26.76
C ILE B 167 -15.12 -14.70 27.57
N LYS B 168 -14.39 -15.79 27.80
CA LYS B 168 -14.95 -16.90 28.56
C LYS B 168 -15.27 -16.48 30.00
N ALA B 169 -14.39 -15.69 30.63
CA ALA B 169 -14.63 -15.26 32.00
C ALA B 169 -15.83 -14.32 32.09
N TYR B 170 -15.98 -13.41 31.12
CA TYR B 170 -17.15 -12.53 31.11
C TYR B 170 -18.43 -13.31 30.85
N LEU B 171 -18.41 -14.25 29.91
CA LEU B 171 -19.61 -15.09 29.60
C LEU B 171 -20.04 -15.90 30.83
N LYS B 172 -19.08 -16.41 31.60
CA LYS B 172 -19.41 -17.11 32.87
C LYS B 172 -20.11 -16.13 33.81
N TYR B 173 -19.65 -14.89 33.90
CA TYR B 173 -20.29 -13.86 34.76
C TYR B 173 -21.71 -13.55 34.28
N LEU B 174 -21.87 -13.40 32.97
CA LEU B 174 -23.19 -13.01 32.48
C LEU B 174 -24.19 -14.16 32.51
N GLY B 175 -23.71 -15.38 32.23
CA GLY B 175 -24.60 -16.53 32.19
C GLY B 175 -24.65 -17.19 30.83
N GLY B 176 -23.71 -16.81 29.96
CA GLY B 176 -23.55 -17.45 28.67
C GLY B 176 -22.51 -18.56 28.71
N VAL B 177 -22.40 -19.28 27.60
CA VAL B 177 -21.46 -20.39 27.47
C VAL B 177 -20.74 -20.30 26.13
N VAL B 178 -19.60 -20.99 26.05
CA VAL B 178 -18.85 -21.17 24.83
C VAL B 178 -19.06 -22.61 24.37
N VAL B 179 -19.61 -22.78 23.18
CA VAL B 179 -19.89 -24.11 22.64
C VAL B 179 -18.86 -24.52 21.59
N GLY B 180 -17.79 -23.75 21.43
CA GLY B 180 -16.73 -24.08 20.49
C GLY B 180 -15.57 -23.10 20.53
N GLU B 181 -14.35 -23.58 20.32
CA GLU B 181 -13.17 -22.73 20.35
C GLU B 181 -12.11 -23.33 19.45
N GLU B 182 -11.70 -22.59 18.43
CA GLU B 182 -10.75 -23.07 17.44
C GLU B 182 -9.75 -21.97 17.09
N TYR B 183 -8.52 -22.38 16.82
CA TYR B 183 -7.45 -21.47 16.41
C TYR B 183 -6.79 -21.99 15.16
N THR B 184 -6.46 -21.07 14.25
CA THR B 184 -5.72 -21.39 13.05
C THR B 184 -4.47 -20.52 12.96
N PRO B 185 -3.36 -21.04 12.44
CA PRO B 185 -2.16 -20.21 12.29
C PRO B 185 -2.46 -18.99 11.43
N LEU B 186 -1.73 -17.91 11.71
CA LEU B 186 -1.82 -16.72 10.88
C LEU B 186 -1.51 -17.09 9.43
N GLY B 187 -2.32 -16.57 8.51
CA GLY B 187 -2.19 -16.88 7.11
C GLY B 187 -2.88 -18.16 6.66
N HIS B 188 -3.50 -18.90 7.57
CA HIS B 188 -4.26 -20.09 7.22
C HIS B 188 -5.37 -19.73 6.22
N THR B 189 -5.64 -20.64 5.28
CA THR B 189 -6.66 -20.41 4.27
C THR B 189 -7.72 -21.48 4.17
N ASP B 190 -7.55 -22.64 4.80
CA ASP B 190 -8.51 -23.74 4.70
C ASP B 190 -9.38 -23.74 5.95
N TYR B 191 -10.62 -23.26 5.80
CA TYR B 191 -11.53 -23.15 6.93
C TYR B 191 -12.71 -24.10 6.80
N SER B 192 -12.67 -25.04 5.87
CA SER B 192 -13.76 -25.99 5.71
C SER B 192 -13.96 -26.84 6.95
N SER B 193 -12.87 -27.25 7.60
CA SER B 193 -12.99 -28.06 8.80
C SER B 193 -13.60 -27.26 9.95
N VAL B 194 -13.12 -26.03 10.15
CA VAL B 194 -13.70 -25.17 11.18
C VAL B 194 -15.16 -24.87 10.87
N ILE B 195 -15.46 -24.59 9.60
CA ILE B 195 -16.83 -24.25 9.22
C ILE B 195 -17.75 -25.46 9.40
N ASN B 196 -17.25 -26.66 9.11
CA ASN B 196 -18.04 -27.87 9.36
C ASN B 196 -18.32 -28.06 10.84
N LYS B 197 -17.34 -27.72 11.69
CA LYS B 197 -17.56 -27.78 13.13
C LYS B 197 -18.60 -26.77 13.57
N ILE B 198 -18.54 -25.54 13.05
CA ILE B 198 -19.54 -24.52 13.36
C ILE B 198 -20.92 -25.00 12.94
N LYS B 199 -21.02 -25.61 11.75
CA LYS B 199 -22.30 -26.13 11.27
C LYS B 199 -22.87 -27.16 12.23
N ALA B 200 -22.01 -27.97 12.84
CA ALA B 200 -22.48 -29.01 13.75
C ALA B 200 -22.84 -28.42 15.11
N ALA B 201 -22.07 -27.47 15.60
CA ALA B 201 -22.30 -26.91 16.93
C ALA B 201 -23.52 -26.02 16.98
N LYS B 202 -23.86 -25.37 15.86
CA LYS B 202 -25.00 -24.46 15.78
C LYS B 202 -24.98 -23.38 16.87
N PRO B 203 -23.96 -22.53 16.90
CA PRO B 203 -23.89 -21.49 17.93
C PRO B 203 -24.80 -20.31 17.61
N ASP B 204 -25.01 -19.47 18.62
CA ASP B 204 -25.79 -18.26 18.43
C ASP B 204 -25.00 -17.19 17.68
N VAL B 205 -23.69 -17.16 17.88
CA VAL B 205 -22.83 -16.12 17.32
C VAL B 205 -21.42 -16.68 17.22
N VAL B 206 -20.67 -16.22 16.23
CA VAL B 206 -19.24 -16.46 16.12
C VAL B 206 -18.52 -15.18 16.51
N PHE B 207 -17.63 -15.26 17.50
CA PHE B 207 -16.78 -14.14 17.87
C PHE B 207 -15.42 -14.36 17.22
N ASN B 208 -15.11 -13.49 16.26
CA ASN B 208 -14.00 -13.72 15.33
C ASN B 208 -12.80 -12.86 15.74
N THR B 209 -11.70 -13.52 16.12
CA THR B 209 -10.44 -12.83 16.38
C THR B 209 -9.36 -13.21 15.38
N LEU B 210 -9.75 -13.67 14.19
CA LEU B 210 -8.78 -13.87 13.12
C LEU B 210 -8.15 -12.55 12.74
N ASN B 211 -6.85 -12.58 12.46
CA ASN B 211 -6.12 -11.39 12.02
C ASN B 211 -5.45 -11.67 10.69
N GLY B 212 -5.34 -10.64 9.86
CA GLY B 212 -4.68 -10.77 8.58
C GLY B 212 -5.57 -11.36 7.50
N ASP B 213 -4.93 -11.71 6.39
CA ASP B 213 -5.72 -12.15 5.24
C ASP B 213 -6.31 -13.55 5.42
N SER B 214 -6.13 -14.18 6.58
CA SER B 214 -6.95 -15.34 6.91
C SER B 214 -8.43 -15.01 6.82
N ASN B 215 -8.79 -13.76 7.10
CA ASN B 215 -10.19 -13.35 7.05
C ASN B 215 -10.74 -13.39 5.64
N VAL B 216 -9.90 -13.18 4.62
CA VAL B 216 -10.36 -13.28 3.24
C VAL B 216 -10.86 -14.69 2.96
N ALA B 217 -10.11 -15.70 3.42
CA ALA B 217 -10.48 -17.08 3.14
C ALA B 217 -11.70 -17.49 3.96
N PHE B 218 -11.77 -17.09 5.23
CA PHE B 218 -12.83 -17.57 6.10
C PHE B 218 -14.19 -17.06 5.65
N PHE B 219 -14.32 -15.75 5.43
CA PHE B 219 -15.62 -15.19 5.12
C PHE B 219 -16.10 -15.60 3.74
N LYS B 220 -15.19 -15.80 2.78
CA LYS B 220 -15.59 -16.33 1.49
C LYS B 220 -16.09 -17.76 1.61
N GLN B 221 -15.32 -18.61 2.31
CA GLN B 221 -15.74 -20.00 2.49
C GLN B 221 -16.97 -20.11 3.38
N LEU B 222 -17.16 -19.16 4.29
CA LEU B 222 -18.35 -19.18 5.14
C LEU B 222 -19.62 -18.96 4.31
N LYS B 223 -19.62 -17.93 3.46
CA LYS B 223 -20.77 -17.70 2.60
C LYS B 223 -20.94 -18.82 1.58
N ASP B 224 -19.84 -19.28 0.98
CA ASP B 224 -19.91 -20.39 0.04
C ASP B 224 -20.42 -21.67 0.69
N ALA B 225 -20.30 -21.78 2.02
CA ALA B 225 -20.84 -22.92 2.75
C ALA B 225 -22.33 -22.77 3.06
N GLY B 226 -22.96 -21.68 2.62
CA GLY B 226 -24.38 -21.48 2.81
C GLY B 226 -24.78 -20.76 4.07
N ILE B 227 -23.83 -20.15 4.78
CA ILE B 227 -24.10 -19.42 6.02
C ILE B 227 -24.04 -17.93 5.73
N ASP B 228 -25.09 -17.21 6.10
CA ASP B 228 -25.11 -15.76 6.01
C ASP B 228 -25.42 -15.16 7.38
N ALA B 229 -25.37 -13.83 7.43
CA ALA B 229 -25.46 -13.12 8.71
C ALA B 229 -26.82 -13.27 9.37
N ASN B 230 -27.87 -13.55 8.59
CA ASN B 230 -29.18 -13.73 9.19
C ASN B 230 -29.24 -15.02 10.01
N THR B 231 -28.60 -16.08 9.51
CA THR B 231 -28.62 -17.36 10.22
C THR B 231 -27.61 -17.38 11.35
N LEU B 232 -26.40 -16.89 11.11
CA LEU B 232 -25.33 -16.90 12.11
C LEU B 232 -24.51 -15.62 12.00
N PRO B 233 -24.73 -14.66 12.89
CA PRO B 233 -23.91 -13.45 12.87
C PRO B 233 -22.50 -13.71 13.36
N VAL B 234 -21.54 -13.03 12.74
CA VAL B 234 -20.14 -13.07 13.14
C VAL B 234 -19.75 -11.69 13.67
N MET B 235 -19.24 -11.64 14.89
CA MET B 235 -18.76 -10.41 15.50
C MET B 235 -17.24 -10.39 15.42
N SER B 236 -16.69 -9.38 14.74
CA SER B 236 -15.27 -9.28 14.48
C SER B 236 -14.68 -8.08 15.20
N VAL B 237 -13.44 -8.23 15.67
CA VAL B 237 -12.74 -7.17 16.39
C VAL B 237 -11.39 -6.81 15.77
N SER B 238 -10.97 -7.52 14.73
CA SER B 238 -9.67 -7.25 14.10
C SER B 238 -9.76 -6.95 12.62
N ILE B 239 -10.97 -6.77 12.09
CA ILE B 239 -11.17 -6.29 10.72
C ILE B 239 -12.13 -5.10 10.77
N ALA B 240 -11.94 -4.18 9.82
CA ALA B 240 -12.83 -3.05 9.69
C ALA B 240 -12.99 -2.68 8.21
N GLU B 241 -13.28 -1.41 7.94
CA GLU B 241 -13.63 -1.00 6.57
C GLU B 241 -12.56 -1.37 5.56
N GLU B 242 -11.29 -1.22 5.94
CA GLU B 242 -10.21 -1.53 5.00
C GLU B 242 -10.22 -3.01 4.62
N GLU B 243 -10.23 -3.89 5.62
CA GLU B 243 -10.25 -5.32 5.33
C GLU B 243 -11.56 -5.75 4.69
N ILE B 244 -12.68 -5.11 5.07
CA ILE B 244 -13.96 -5.43 4.46
C ILE B 244 -13.92 -5.21 2.95
N LYS B 245 -13.29 -4.12 2.52
CA LYS B 245 -13.14 -3.86 1.09
C LYS B 245 -12.24 -4.89 0.43
N GLY B 246 -11.19 -5.33 1.12
CA GLY B 246 -10.32 -6.34 0.57
C GLY B 246 -10.99 -7.70 0.47
N ILE B 247 -11.71 -8.10 1.52
CA ILE B 247 -12.42 -9.38 1.50
C ILE B 247 -13.55 -9.35 0.50
N GLY B 248 -14.26 -8.23 0.43
CA GLY B 248 -15.45 -8.13 -0.39
C GLY B 248 -16.68 -7.95 0.47
N PRO B 249 -17.33 -6.79 0.36
CA PRO B 249 -18.53 -6.53 1.18
C PRO B 249 -19.65 -7.53 0.98
N GLU B 250 -19.72 -8.21 -0.18
CA GLU B 250 -20.75 -9.21 -0.40
C GLU B 250 -20.62 -10.39 0.56
N TYR B 251 -19.41 -10.67 1.05
CA TYR B 251 -19.19 -11.73 2.00
C TYR B 251 -19.33 -11.29 3.45
N LEU B 252 -19.56 -9.99 3.69
CA LEU B 252 -19.60 -9.47 5.05
C LEU B 252 -20.89 -8.74 5.39
N LYS B 253 -21.74 -8.44 4.41
CA LYS B 253 -22.96 -7.68 4.66
C LYS B 253 -23.80 -8.31 5.76
N GLY B 254 -24.20 -7.49 6.73
CA GLY B 254 -25.00 -7.95 7.84
C GLY B 254 -24.21 -8.46 9.02
N HIS B 255 -22.91 -8.70 8.88
CA HIS B 255 -22.09 -9.13 10.00
C HIS B 255 -21.68 -7.91 10.83
N LEU B 256 -21.06 -8.17 11.98
CA LEU B 256 -20.92 -7.17 13.02
C LEU B 256 -19.45 -6.88 13.34
N VAL B 257 -19.20 -5.65 13.81
CA VAL B 257 -17.89 -5.23 14.30
C VAL B 257 -18.09 -4.42 15.57
N THR B 258 -17.01 -4.30 16.34
CA THR B 258 -16.93 -3.40 17.48
C THR B 258 -15.61 -2.65 17.39
N TRP B 259 -15.68 -1.32 17.43
CA TRP B 259 -14.51 -0.48 17.33
C TRP B 259 -14.77 0.78 18.13
N ASN B 260 -13.87 1.77 17.98
CA ASN B 260 -14.06 3.09 18.53
C ASN B 260 -14.37 4.13 17.47
N TYR B 261 -14.34 3.74 16.21
CA TYR B 261 -14.46 4.68 15.11
C TYR B 261 -14.99 3.93 13.89
N PHE B 262 -15.87 4.59 13.15
CA PHE B 262 -16.27 4.16 11.81
C PHE B 262 -16.07 5.32 10.87
N GLN B 263 -15.82 5.00 9.59
CA GLN B 263 -15.76 6.05 8.58
C GLN B 263 -17.06 6.85 8.54
N SER B 264 -18.17 6.21 8.86
CA SER B 264 -19.48 6.84 8.82
C SER B 264 -19.78 7.74 10.02
N VAL B 265 -18.82 7.91 10.94
CA VAL B 265 -19.07 8.73 12.11
C VAL B 265 -19.31 10.17 11.68
N ASP B 266 -20.40 10.76 12.19
CA ASP B 266 -20.83 12.10 11.78
C ASP B 266 -20.35 13.14 12.79
N THR B 267 -19.09 13.50 12.66
CA THR B 267 -18.52 14.66 13.33
C THR B 267 -17.91 15.59 12.29
N PRO B 268 -17.83 16.89 12.59
CA PRO B 268 -17.08 17.79 11.69
C PRO B 268 -15.63 17.35 11.51
N GLU B 269 -15.02 16.86 12.60
CA GLU B 269 -13.64 16.39 12.52
C GLU B 269 -13.50 15.20 11.59
N ASN B 270 -14.44 14.25 11.66
CA ASN B 270 -14.36 13.09 10.78
C ASN B 270 -14.64 13.45 9.33
N LYS B 271 -15.55 14.40 9.10
CA LYS B 271 -15.81 14.84 7.72
C LYS B 271 -14.53 15.35 7.08
N GLU B 272 -13.80 16.22 7.77
CA GLU B 272 -12.53 16.71 7.24
C GLU B 272 -11.53 15.58 7.07
N PHE B 273 -11.47 14.66 8.03
CA PHE B 273 -10.49 13.58 7.99
C PHE B 273 -10.68 12.70 6.76
N VAL B 274 -11.93 12.31 6.48
CA VAL B 274 -12.19 11.39 5.39
C VAL B 274 -11.93 12.05 4.04
N GLU B 275 -12.33 13.32 3.89
CA GLU B 275 -12.05 14.02 2.64
C GLU B 275 -10.55 14.14 2.40
N LYS B 276 -9.79 14.50 3.44
CA LYS B 276 -8.34 14.65 3.28
C LYS B 276 -7.69 13.31 2.94
N TYR B 277 -8.09 12.24 3.62
CA TYR B 277 -7.57 10.91 3.31
C TYR B 277 -7.91 10.52 1.87
N LYS B 278 -9.14 10.82 1.44
CA LYS B 278 -9.55 10.48 0.08
C LYS B 278 -8.88 11.40 -0.94
N LYS B 279 -8.72 12.68 -0.61
CA LYS B 279 -8.05 13.60 -1.52
C LYS B 279 -6.61 13.16 -1.76
N LYS B 280 -5.93 12.66 -0.72
CA LYS B 280 -4.54 12.27 -0.88
C LYS B 280 -4.41 10.92 -1.55
N TYR B 281 -5.25 9.95 -1.20
CA TYR B 281 -5.04 8.58 -1.64
C TYR B 281 -6.09 8.07 -2.63
N GLY B 282 -7.20 8.76 -2.81
CA GLY B 282 -8.20 8.36 -3.79
C GLY B 282 -9.59 8.26 -3.21
N GLU B 283 -10.59 8.59 -4.05
CA GLU B 283 -11.98 8.58 -3.61
C GLU B 283 -12.47 7.19 -3.25
N ASP B 284 -11.83 6.15 -3.78
CA ASP B 284 -12.22 4.77 -3.43
C ASP B 284 -11.66 4.32 -2.09
N ARG B 285 -10.69 5.05 -1.53
CA ARG B 285 -10.08 4.64 -0.27
C ARG B 285 -11.03 4.87 0.89
N VAL B 286 -10.96 3.98 1.88
CA VAL B 286 -11.78 4.06 3.08
C VAL B 286 -10.90 4.40 4.26
N THR B 287 -11.55 4.81 5.35
CA THR B 287 -10.91 4.95 6.65
C THR B 287 -11.56 3.98 7.63
N ASP B 288 -10.83 3.65 8.69
CA ASP B 288 -11.39 2.83 9.75
C ASP B 288 -10.65 3.12 11.05
N ASP B 289 -11.02 2.39 12.09
CA ASP B 289 -10.48 2.64 13.43
C ASP B 289 -8.97 2.53 13.49
N PRO B 290 -8.32 1.45 13.04
CA PRO B 290 -6.85 1.43 13.06
C PRO B 290 -6.23 2.56 12.26
N ILE B 291 -6.84 2.93 11.13
CA ILE B 291 -6.34 4.06 10.34
C ILE B 291 -6.42 5.36 11.14
N GLU B 292 -7.53 5.55 11.85
CA GLU B 292 -7.67 6.76 12.67
C GLU B 292 -6.66 6.77 13.80
N ALA B 293 -6.43 5.62 14.44
CA ALA B 293 -5.51 5.57 15.57
C ALA B 293 -4.08 5.84 15.15
N ALA B 294 -3.68 5.35 13.96
CA ALA B 294 -2.34 5.64 13.47
C ALA B 294 -2.17 7.11 13.16
N TYR B 295 -3.18 7.73 12.54
CA TYR B 295 -3.17 9.16 12.28
C TYR B 295 -3.14 9.95 13.60
N ILE B 296 -4.03 9.58 14.53
CA ILE B 296 -4.06 10.18 15.86
C ILE B 296 -2.69 10.10 16.52
N GLY B 297 -2.05 8.93 16.42
CA GLY B 297 -0.83 8.70 17.18
C GLY B 297 0.30 9.64 16.80
N VAL B 298 0.40 9.96 15.51
CA VAL B 298 1.43 10.91 15.08
C VAL B 298 1.17 12.28 15.66
N TYR B 299 -0.08 12.73 15.63
CA TYR B 299 -0.41 14.04 16.15
C TYR B 299 -0.19 14.12 17.65
N LEU B 300 -0.53 13.06 18.38
CA LEU B 300 -0.38 13.09 19.83
C LEU B 300 1.09 13.09 20.24
N TRP B 301 1.90 12.26 19.59
CA TRP B 301 3.34 12.29 19.85
C TRP B 301 3.92 13.67 19.58
N ALA B 302 3.60 14.24 18.41
CA ALA B 302 4.10 15.56 18.07
C ALA B 302 3.63 16.61 19.07
N LYS B 303 2.38 16.50 19.53
CA LYS B 303 1.90 17.45 20.54
C LYS B 303 2.66 17.30 21.84
N ALA B 304 3.05 16.08 22.19
CA ALA B 304 3.83 15.88 23.41
C ALA B 304 5.24 16.43 23.27
N VAL B 305 5.83 16.28 22.09
CA VAL B 305 7.15 16.84 21.84
C VAL B 305 7.09 18.36 21.92
N GLU B 306 6.06 18.95 21.31
CA GLU B 306 5.88 20.40 21.38
C GLU B 306 5.75 20.88 22.82
N LYS B 307 4.91 20.20 23.59
CA LYS B 307 4.71 20.59 24.98
C LYS B 307 5.98 20.38 25.80
N ALA B 308 6.73 19.31 25.50
CA ALA B 308 7.96 19.04 26.22
C ALA B 308 9.10 19.94 25.80
N GLY B 309 9.02 20.53 24.61
CA GLY B 309 10.15 21.29 24.09
C GLY B 309 11.35 20.45 23.77
N SER B 310 11.16 19.15 23.55
CA SER B 310 12.25 18.21 23.33
C SER B 310 11.67 16.88 22.90
N THR B 311 12.46 16.12 22.13
CA THR B 311 12.11 14.76 21.76
C THR B 311 12.62 13.73 22.77
N ASP B 312 13.22 14.19 23.88
CA ASP B 312 13.69 13.27 24.90
C ASP B 312 12.54 12.43 25.44
N VAL B 313 12.74 11.12 25.46
CA VAL B 313 11.64 10.18 25.72
C VAL B 313 11.02 10.43 27.09
N ASP B 314 11.87 10.66 28.10
CA ASP B 314 11.34 10.90 29.44
C ASP B 314 10.53 12.19 29.49
N LYS B 315 11.01 13.25 28.83
CA LYS B 315 10.25 14.50 28.78
C LYS B 315 8.96 14.33 27.98
N VAL B 316 9.04 13.62 26.84
CA VAL B 316 7.84 13.37 26.05
C VAL B 316 6.85 12.54 26.84
N ARG B 317 7.33 11.51 27.54
CA ARG B 317 6.45 10.68 28.35
C ARG B 317 5.71 11.50 29.39
N GLU B 318 6.41 12.41 30.06
CA GLU B 318 5.77 13.23 31.09
C GLU B 318 4.77 14.20 30.47
N ALA B 319 5.13 14.84 29.36
CA ALA B 319 4.26 15.84 28.77
C ALA B 319 3.00 15.21 28.16
N ALA B 320 3.09 13.95 27.73
CA ALA B 320 1.96 13.31 27.07
C ALA B 320 0.80 13.04 28.03
N LYS B 321 1.06 13.01 29.33
CA LYS B 321 0.00 12.73 30.31
C LYS B 321 -1.09 13.79 30.22
N GLY B 322 -2.30 13.36 29.86
CA GLY B 322 -3.46 14.21 29.84
C GLY B 322 -3.68 15.00 28.56
N ILE B 323 -2.81 14.86 27.56
CA ILE B 323 -2.97 15.61 26.32
C ILE B 323 -4.24 15.15 25.61
N GLU B 324 -5.05 16.11 25.18
CA GLU B 324 -6.29 15.84 24.48
C GLU B 324 -6.12 16.06 22.98
N PHE B 325 -7.06 15.54 22.21
CA PHE B 325 -7.07 15.70 20.76
C PHE B 325 -8.49 15.61 20.23
N ASN B 326 -8.87 16.54 19.37
CA ASN B 326 -10.19 16.52 18.73
C ASN B 326 -10.14 15.53 17.58
N ALA B 327 -10.28 14.26 17.92
CA ALA B 327 -10.13 13.17 16.98
C ALA B 327 -11.40 13.01 16.14
N PRO B 328 -11.27 12.41 14.95
CA PRO B 328 -12.46 12.16 14.12
C PRO B 328 -13.56 11.38 14.82
N GLU B 329 -13.20 10.39 15.64
CA GLU B 329 -14.17 9.60 16.38
C GLU B 329 -14.86 10.40 17.49
N GLY B 330 -14.30 11.56 17.85
CA GLY B 330 -14.74 12.30 19.00
C GLY B 330 -13.54 12.67 19.86
N PRO B 331 -13.79 13.23 21.04
CA PRO B 331 -12.67 13.64 21.92
C PRO B 331 -11.92 12.42 22.43
N VAL B 332 -10.60 12.51 22.35
CA VAL B 332 -9.73 11.45 22.91
C VAL B 332 -8.73 12.14 23.83
N LYS B 333 -8.02 11.37 24.65
CA LYS B 333 -7.05 11.92 25.61
C LYS B 333 -6.10 10.80 26.06
N ILE B 334 -4.82 11.11 26.23
CA ILE B 334 -3.86 10.11 26.76
C ILE B 334 -4.07 9.97 28.26
N ASP B 335 -4.40 8.78 28.69
CA ASP B 335 -4.56 8.46 30.12
C ASP B 335 -3.17 8.39 30.75
N GLY B 336 -2.88 9.33 31.64
CA GLY B 336 -1.58 9.32 32.30
C GLY B 336 -1.33 8.09 33.14
N ASP B 337 -2.40 7.38 33.53
CA ASP B 337 -2.24 6.16 34.34
C ASP B 337 -1.52 5.06 33.57
N ASN B 338 -1.73 4.99 32.25
CA ASN B 338 -1.33 3.80 31.50
C ASN B 338 -0.93 4.08 30.06
N GLN B 339 -0.92 5.33 29.61
CA GLN B 339 -0.51 5.70 28.25
C GLN B 339 -1.41 5.10 27.18
N HIS B 340 -2.65 4.76 27.56
CA HIS B 340 -3.68 4.31 26.59
C HIS B 340 -4.55 5.55 26.30
N LEU B 341 -5.57 5.40 25.48
CA LEU B 341 -6.41 6.55 25.10
C LEU B 341 -7.84 6.43 25.65
N TYR B 342 -8.42 7.55 26.03
CA TYR B 342 -9.86 7.53 26.36
C TYR B 342 -10.57 7.47 24.99
N LYS B 343 -11.44 6.49 24.78
CA LYS B 343 -12.09 6.34 23.45
C LYS B 343 -13.57 6.00 23.61
N THR B 344 -14.36 6.40 22.63
CA THR B 344 -15.80 6.07 22.60
C THR B 344 -15.94 4.63 22.09
N VAL B 345 -16.86 3.85 22.63
CA VAL B 345 -17.09 2.48 22.12
C VAL B 345 -18.29 2.49 21.18
N ARG B 346 -18.15 1.78 20.06
CA ARG B 346 -19.24 1.72 19.06
C ARG B 346 -19.40 0.31 18.49
N ILE B 347 -20.63 -0.10 18.26
CA ILE B 347 -20.93 -1.40 17.62
C ILE B 347 -21.80 -1.14 16.38
N GLY B 348 -21.49 -1.80 15.28
CA GLY B 348 -22.25 -1.57 14.06
C GLY B 348 -22.29 -2.80 13.18
N GLU B 349 -23.17 -2.74 12.18
CA GLU B 349 -23.33 -3.82 11.22
C GLU B 349 -22.82 -3.38 9.86
N ILE B 350 -22.19 -4.32 9.14
CA ILE B 350 -21.58 -4.01 7.85
C ILE B 350 -22.66 -3.86 6.80
N LEU B 351 -22.56 -2.79 6.01
CA LEU B 351 -23.54 -2.51 4.97
C LEU B 351 -23.09 -3.09 3.63
N GLU B 352 -24.02 -3.08 2.67
CA GLU B 352 -23.75 -3.65 1.36
C GLU B 352 -22.55 -3.00 0.68
N ASN B 353 -22.33 -1.71 0.92
CA ASN B 353 -21.20 -1.00 0.35
C ASN B 353 -19.93 -1.13 1.18
N GLY B 354 -19.96 -1.94 2.24
CA GLY B 354 -18.80 -2.11 3.09
C GLY B 354 -18.67 -1.10 4.21
N GLN B 355 -19.58 -0.12 4.28
CA GLN B 355 -19.55 0.82 5.38
C GLN B 355 -20.32 0.27 6.57
N ILE B 356 -20.18 0.93 7.71
CA ILE B 356 -20.74 0.48 8.97
C ILE B 356 -21.96 1.32 9.31
N ARG B 357 -23.04 0.66 9.72
CA ARG B 357 -24.20 1.31 10.31
C ARG B 357 -24.13 1.10 11.82
N GLU B 358 -23.90 2.19 12.55
CA GLU B 358 -23.76 2.10 14.01
C GLU B 358 -25.08 1.72 14.66
N LEU B 359 -25.04 0.71 15.54
CA LEU B 359 -26.21 0.29 16.27
C LEU B 359 -26.19 0.69 17.74
N TRP B 360 -25.02 0.95 18.30
CA TRP B 360 -24.89 1.23 19.72
C TRP B 360 -23.56 1.94 19.98
N LYS B 361 -23.56 2.79 21.01
CA LYS B 361 -22.32 3.47 21.40
C LYS B 361 -22.39 4.00 22.84
N THR B 362 -21.23 4.24 23.43
CA THR B 362 -21.18 4.91 24.74
C THR B 362 -21.55 6.38 24.54
N ASN B 363 -22.18 6.99 25.54
CA ASN B 363 -22.60 8.41 25.46
C ASN B 363 -21.39 9.31 25.68
N LYS B 364 -20.26 8.72 26.07
CA LYS B 364 -19.04 9.50 26.37
C LYS B 364 -17.81 8.62 26.14
N PRO B 365 -16.61 9.20 25.99
CA PRO B 365 -15.39 8.41 25.90
C PRO B 365 -15.18 7.57 27.18
N VAL B 366 -14.65 6.37 27.05
CA VAL B 366 -14.46 5.46 28.18
C VAL B 366 -12.99 5.49 28.58
N LYS B 367 -12.75 5.55 29.88
CA LYS B 367 -11.39 5.51 30.40
C LYS B 367 -10.76 4.14 30.11
N PRO B 368 -9.55 4.09 29.56
CA PRO B 368 -8.95 2.79 29.26
C PRO B 368 -8.58 2.05 30.54
N ASP B 369 -8.88 0.75 30.54
CA ASP B 369 -8.70 -0.11 31.72
C ASP B 369 -8.09 -1.42 31.24
N PRO B 370 -6.81 -1.41 30.88
CA PRO B 370 -6.21 -2.60 30.23
C PRO B 370 -6.14 -3.82 31.12
N TYR B 371 -6.08 -3.65 32.45
CA TYR B 371 -6.05 -4.77 33.38
C TYR B 371 -7.43 -5.10 33.93
N LEU B 372 -8.47 -4.42 33.43
CA LEU B 372 -9.85 -4.69 33.82
C LEU B 372 -10.04 -4.56 35.33
N LYS B 373 -9.38 -3.56 35.92
CA LYS B 373 -9.47 -3.35 37.35
C LYS B 373 -10.89 -2.99 37.79
N GLY B 374 -11.67 -2.38 36.89
CA GLY B 374 -13.04 -2.04 37.21
C GLY B 374 -14.03 -3.16 37.03
N TYR B 375 -13.59 -4.34 36.62
CA TYR B 375 -14.47 -5.48 36.38
C TYR B 375 -14.18 -6.54 37.44
N GLU B 376 -15.11 -6.66 38.38
CA GLU B 376 -14.90 -7.51 39.55
C GLU B 376 -14.66 -8.96 39.16
N TRP B 377 -15.23 -9.41 38.04
CA TRP B 377 -15.08 -10.79 37.59
C TRP B 377 -13.74 -11.07 36.91
N ALA B 378 -12.95 -10.05 36.61
CA ALA B 378 -11.71 -10.20 35.86
C ALA B 378 -10.49 -10.29 36.78
N GLN B 379 -10.65 -10.88 37.96
CA GLN B 379 -9.64 -10.78 39.00
C GLN B 379 -8.34 -11.47 38.59
N GLY B 380 -8.40 -12.77 38.33
CA GLY B 380 -7.19 -13.53 38.07
C GLY B 380 -6.86 -13.76 36.60
N LEU B 381 -7.13 -12.77 35.75
CA LEU B 381 -6.95 -12.96 34.33
C LEU B 381 -5.51 -12.74 33.88
N SER B 382 -4.84 -11.70 34.36
CA SER B 382 -3.47 -11.42 33.94
C SER B 382 -2.44 -12.20 34.75
N GLU B 383 -2.81 -12.69 35.95
CA GLU B 383 -1.94 -13.41 36.88
C GLU B 383 -0.80 -12.56 37.41
N GLN B 384 -0.66 -11.31 36.96
CA GLN B 384 0.42 -10.45 37.39
C GLN B 384 0.11 -9.81 38.74
N GLY B 385 1.15 -9.59 39.53
CA GLY B 385 1.00 -8.98 40.84
C GLY B 385 1.06 -7.46 40.78
N GLY B 386 0.88 -6.86 41.95
CA GLY B 386 0.96 -5.42 42.06
C GLY B 386 -0.34 -4.72 41.68
N SER B 387 -0.25 -3.39 41.62
CA SER B 387 -1.39 -2.55 41.29
C SER B 387 -1.53 -2.30 39.80
N HIS B 388 -0.63 -2.86 38.98
CA HIS B 388 -0.65 -2.69 37.53
C HIS B 388 -0.61 -1.21 37.14
C URE C . 10.48 7.36 -15.84
O URE C . 11.09 8.16 -15.10
N1 URE C . 11.11 6.49 -16.63
N2 URE C . 9.13 7.36 -15.88
BR BR D . 3.70 -0.34 1.11
C URE E . -4.03 -7.83 17.75
O URE E . -3.86 -7.16 18.81
N1 URE E . -3.27 -8.90 17.48
N2 URE E . -4.97 -7.50 16.86
#